data_7B6J
#
_entry.id   7B6J
#
_cell.length_a   58.258
_cell.length_b   58.291
_cell.length_c   74.633
_cell.angle_alpha   96.824
_cell.angle_beta   91.360
_cell.angle_gamma   104.993
#
_symmetry.space_group_name_H-M   'P 1'
#
loop_
_entity.id
_entity.type
_entity.pdbx_description
1 polymer 'UDP-N-acetylmuramoyl-L-alanyl-D-glutamate--2,6-diaminopimelate ligase'
2 non-polymer 1,2-ETHANEDIOL
3 non-polymer succinimide
4 non-polymer 'ISOPROPYL ALCOHOL'
5 water water
#
_entity_poly.entity_id   1
_entity_poly.type   'polypeptide(L)'
_entity_poly.pdbx_seq_one_letter_code
;SMADRNLRDLLAPWVPDAPSRALREMTLDSRVAAAGDLFVAVVGHQADGRRYIPQAIAQGVAAIIAEAKDEATDGEIREM
HGVPVIYLSQLNERLSALAGRFYHEPSDNLRLVGVTGTNGKTTTTQLLAQWSQLLGEISAVMGTVGNGLLGKVIPTENTT
GSAVDVQHELAGLVDQGATFCAMEVSSHGLVQHRVAALKFAASVFTNLSRDHLDYHGDMEHYEAAKWLLYSEHHCGQAII
NADDEVGRRWLAKLPDAVAVSMEDHINPNCHGRWLKATEVNYHDSGATIRFSSSWGDGEIESHLMGAFNVSNLLLALATL
LALGYPLADLLKTAARLQPVCGRMEVFTAPGKPTVVVDYAHTPDALEKALQAARLHCAGKLWCVFGCGGDRDKGKRPLMG
AIAEEFADVAVVTDDNPRTEEPRAIINDILAGMLDAGHAKVMEGRAEAVTCAVMQAKENDVVLVAGKGHEDYQIVGNQRL
DYSDRVTVARLLGVIA
;
_entity_poly.pdbx_strand_id   A,B
#
# COMPACT_ATOMS: atom_id res chain seq x y z
N ARG A 5 -16.79 -15.74 -6.22
CA ARG A 5 -17.82 -15.62 -5.11
C ARG A 5 -18.38 -17.00 -4.79
N ASN A 6 -17.94 -17.54 -3.67
CA ASN A 6 -18.29 -18.89 -3.18
C ASN A 6 -18.46 -18.82 -1.67
N LEU A 7 -19.56 -19.38 -1.18
CA LEU A 7 -19.97 -19.29 0.23
C LEU A 7 -18.88 -19.91 1.11
N ARG A 8 -18.28 -21.01 0.67
CA ARG A 8 -17.24 -21.73 1.45
C ARG A 8 -16.00 -20.82 1.58
N ASP A 9 -15.52 -20.26 0.48
N ASP A 9 -15.52 -20.27 0.46
CA ASP A 9 -14.35 -19.32 0.49
CA ASP A 9 -14.38 -19.31 0.41
C ASP A 9 -14.72 -18.06 1.29
C ASP A 9 -14.71 -18.05 1.22
N LEU A 10 -15.92 -17.51 1.03
CA LEU A 10 -16.43 -16.33 1.76
C LEU A 10 -16.28 -16.56 3.26
N LEU A 11 -16.72 -17.70 3.78
CA LEU A 11 -16.79 -17.92 5.26
C LEU A 11 -15.55 -18.63 5.83
N ALA A 12 -14.60 -19.08 5.01
CA ALA A 12 -13.41 -19.84 5.43
C ALA A 12 -12.73 -19.19 6.64
N PRO A 13 -12.54 -17.86 6.73
CA PRO A 13 -11.88 -17.29 7.92
C PRO A 13 -12.66 -17.50 9.22
N TRP A 14 -13.98 -17.72 9.14
CA TRP A 14 -14.89 -17.70 10.32
C TRP A 14 -15.59 -19.06 10.53
N VAL A 15 -15.99 -19.74 9.44
CA VAL A 15 -16.75 -21.03 9.46
C VAL A 15 -16.07 -21.99 8.49
N PRO A 16 -15.26 -22.95 8.96
CA PRO A 16 -14.50 -23.81 8.07
C PRO A 16 -15.35 -24.82 7.27
N ASP A 17 -16.51 -25.20 7.81
CA ASP A 17 -17.30 -26.34 7.26
C ASP A 17 -18.35 -25.90 6.22
N ALA A 18 -18.32 -24.65 5.73
CA ALA A 18 -19.43 -24.04 4.98
C ALA A 18 -19.53 -24.72 3.62
N PRO A 19 -20.74 -25.12 3.17
CA PRO A 19 -20.87 -25.75 1.86
C PRO A 19 -20.45 -24.82 0.71
N SER A 20 -20.00 -25.41 -0.40
CA SER A 20 -19.69 -24.67 -1.64
C SER A 20 -21.02 -24.35 -2.32
N ARG A 21 -21.21 -23.07 -2.60
CA ARG A 21 -22.32 -22.53 -3.38
C ARG A 21 -21.75 -21.34 -4.13
N ALA A 22 -21.98 -21.28 -5.43
CA ALA A 22 -21.70 -20.09 -6.24
C ALA A 22 -22.66 -18.98 -5.78
N LEU A 23 -22.16 -17.76 -5.63
CA LEU A 23 -22.99 -16.62 -5.18
C LEU A 23 -22.97 -15.57 -6.28
N ARG A 24 -24.08 -14.88 -6.46
CA ARG A 24 -24.22 -13.74 -7.40
C ARG A 24 -23.92 -12.45 -6.63
N GLU A 25 -24.93 -11.79 -6.05
CA GLU A 25 -24.75 -10.55 -5.27
C GLU A 25 -25.07 -10.80 -3.78
N MET A 26 -24.67 -9.84 -2.96
CA MET A 26 -24.93 -9.81 -1.51
C MET A 26 -25.99 -8.75 -1.26
N THR A 27 -27.11 -9.11 -0.66
CA THR A 27 -28.21 -8.15 -0.40
C THR A 27 -28.73 -8.33 1.03
N LEU A 28 -29.16 -7.22 1.65
CA LEU A 28 -29.85 -7.20 2.97
C LEU A 28 -31.36 -7.16 2.78
N ASP A 29 -31.85 -7.10 1.55
CA ASP A 29 -33.29 -6.81 1.29
C ASP A 29 -33.87 -7.94 0.43
N SER A 30 -34.77 -8.73 1.02
CA SER A 30 -35.42 -9.91 0.37
C SER A 30 -36.13 -9.47 -0.92
N ARG A 31 -36.63 -8.23 -0.99
CA ARG A 31 -37.49 -7.78 -2.11
C ARG A 31 -36.67 -7.73 -3.40
N VAL A 32 -35.38 -7.35 -3.32
CA VAL A 32 -34.47 -7.24 -4.50
C VAL A 32 -33.58 -8.48 -4.63
N ALA A 33 -33.66 -9.45 -3.72
CA ALA A 33 -32.90 -10.72 -3.80
C ALA A 33 -33.29 -11.47 -5.08
N ALA A 34 -32.31 -11.91 -5.87
CA ALA A 34 -32.49 -12.70 -7.12
C ALA A 34 -31.79 -14.07 -7.01
N ALA A 35 -32.08 -14.95 -7.97
CA ALA A 35 -31.51 -16.31 -8.06
C ALA A 35 -29.99 -16.20 -7.94
N GLY A 36 -29.37 -17.06 -7.14
CA GLY A 36 -27.90 -17.08 -6.91
C GLY A 36 -27.45 -16.13 -5.81
N ASP A 37 -28.30 -15.23 -5.32
CA ASP A 37 -27.87 -14.16 -4.37
C ASP A 37 -27.52 -14.76 -3.00
N LEU A 38 -26.68 -14.05 -2.27
CA LEU A 38 -26.50 -14.27 -0.82
C LEU A 38 -27.37 -13.22 -0.15
N PHE A 39 -28.35 -13.68 0.63
CA PHE A 39 -29.22 -12.84 1.49
C PHE A 39 -28.59 -12.80 2.88
N VAL A 40 -28.51 -11.61 3.47
CA VAL A 40 -27.93 -11.42 4.82
C VAL A 40 -29.02 -10.82 5.71
N ALA A 41 -29.40 -11.58 6.74
CA ALA A 41 -30.57 -11.31 7.62
C ALA A 41 -30.03 -10.74 8.93
N VAL A 42 -30.13 -9.43 9.08
CA VAL A 42 -29.56 -8.67 10.23
C VAL A 42 -30.73 -8.22 11.10
N VAL A 43 -30.50 -8.09 12.41
CA VAL A 43 -31.42 -7.44 13.38
C VAL A 43 -30.97 -6.00 13.54
N GLY A 44 -31.84 -5.02 13.28
CA GLY A 44 -31.45 -3.61 13.03
C GLY A 44 -32.35 -2.59 13.73
N HIS A 45 -32.73 -1.54 13.00
CA HIS A 45 -33.56 -0.40 13.48
C HIS A 45 -35.03 -0.86 13.59
N GLN A 46 -35.37 -1.57 14.67
CA GLN A 46 -36.72 -2.12 14.97
C GLN A 46 -37.19 -3.12 13.89
N ALA A 47 -36.24 -3.78 13.21
CA ALA A 47 -36.49 -4.73 12.09
C ALA A 47 -35.66 -6.00 12.30
N ASP A 48 -36.20 -7.15 11.92
CA ASP A 48 -35.50 -8.46 12.01
C ASP A 48 -35.53 -9.10 10.62
N GLY A 49 -34.39 -9.11 9.93
CA GLY A 49 -34.27 -9.54 8.52
C GLY A 49 -34.54 -11.04 8.39
N ARG A 50 -34.43 -11.78 9.50
CA ARG A 50 -34.69 -13.24 9.56
C ARG A 50 -36.17 -13.49 9.29
N ARG A 51 -37.04 -12.53 9.56
CA ARG A 51 -38.49 -12.61 9.22
C ARG A 51 -38.61 -12.88 7.71
N TYR A 52 -37.67 -12.43 6.89
CA TYR A 52 -37.79 -12.44 5.39
C TYR A 52 -37.00 -13.59 4.76
N ILE A 53 -36.50 -14.52 5.56
CA ILE A 53 -35.80 -15.74 5.06
C ILE A 53 -36.73 -16.48 4.07
N PRO A 54 -38.04 -16.78 4.37
CA PRO A 54 -38.86 -17.58 3.45
C PRO A 54 -39.03 -16.89 2.09
N GLN A 55 -39.25 -15.57 2.07
CA GLN A 55 -39.32 -14.79 0.81
C GLN A 55 -37.97 -14.87 0.05
N ALA A 56 -36.83 -14.72 0.74
CA ALA A 56 -35.49 -14.79 0.12
C ALA A 56 -35.31 -16.18 -0.52
N ILE A 57 -35.67 -17.23 0.19
CA ILE A 57 -35.60 -18.63 -0.33
C ILE A 57 -36.51 -18.70 -1.57
N ALA A 58 -37.71 -18.14 -1.53
CA ALA A 58 -38.68 -18.20 -2.66
C ALA A 58 -38.16 -17.39 -3.86
N GLN A 59 -37.30 -16.39 -3.66
CA GLN A 59 -36.69 -15.66 -4.81
C GLN A 59 -35.47 -16.45 -5.33
N GLY A 60 -35.13 -17.60 -4.73
CA GLY A 60 -34.08 -18.53 -5.21
C GLY A 60 -32.66 -18.13 -4.79
N VAL A 61 -32.50 -17.43 -3.67
CA VAL A 61 -31.15 -17.11 -3.12
C VAL A 61 -30.40 -18.44 -3.00
N ALA A 62 -29.10 -18.45 -3.26
CA ALA A 62 -28.25 -19.65 -3.09
C ALA A 62 -27.97 -19.94 -1.61
N ALA A 63 -27.86 -18.91 -0.77
CA ALA A 63 -27.51 -19.07 0.65
C ALA A 63 -27.96 -17.87 1.46
N ILE A 64 -27.89 -18.03 2.79
CA ILE A 64 -28.33 -17.02 3.77
C ILE A 64 -27.32 -17.03 4.90
N ILE A 65 -26.94 -15.85 5.34
CA ILE A 65 -26.16 -15.64 6.58
C ILE A 65 -27.05 -14.79 7.50
N ALA A 66 -27.22 -15.18 8.74
CA ALA A 66 -28.29 -14.69 9.64
C ALA A 66 -27.73 -14.43 11.03
N GLU A 67 -28.24 -13.41 11.71
CA GLU A 67 -27.92 -13.12 13.13
C GLU A 67 -28.21 -14.39 13.94
N ALA A 68 -27.30 -14.77 14.84
CA ALA A 68 -27.42 -15.94 15.74
C ALA A 68 -28.23 -15.59 17.00
N LYS A 69 -28.30 -14.31 17.38
CA LYS A 69 -28.89 -13.83 18.66
C LYS A 69 -30.23 -14.53 18.93
N ASP A 70 -30.26 -15.43 19.93
CA ASP A 70 -31.47 -16.09 20.51
C ASP A 70 -32.02 -17.16 19.58
N GLU A 71 -31.28 -17.52 18.53
CA GLU A 71 -31.77 -18.43 17.47
C GLU A 71 -30.79 -19.59 17.30
N ALA A 72 -29.49 -19.36 17.46
CA ALA A 72 -28.47 -20.38 17.12
C ALA A 72 -27.17 -19.98 17.79
N THR A 73 -26.20 -20.88 17.73
CA THR A 73 -24.82 -20.61 18.19
C THR A 73 -24.01 -20.06 17.03
N ASP A 74 -22.91 -19.38 17.36
CA ASP A 74 -22.02 -18.70 16.38
C ASP A 74 -21.39 -19.78 15.50
N GLY A 75 -21.53 -19.66 14.16
CA GLY A 75 -20.97 -20.62 13.18
C GLY A 75 -21.92 -21.77 12.87
N GLU A 76 -23.08 -21.83 13.52
CA GLU A 76 -24.05 -22.93 13.28
C GLU A 76 -24.48 -22.88 11.81
N ILE A 77 -24.33 -24.02 11.12
CA ILE A 77 -24.82 -24.27 9.73
C ILE A 77 -26.14 -25.05 9.80
N ARG A 78 -27.24 -24.42 9.38
CA ARG A 78 -28.56 -25.09 9.19
C ARG A 78 -28.85 -25.15 7.68
N GLU A 79 -29.96 -25.77 7.34
CA GLU A 79 -30.43 -25.99 5.95
C GLU A 79 -31.97 -25.87 5.98
N MET A 80 -32.56 -24.97 5.18
CA MET A 80 -34.03 -24.77 5.05
C MET A 80 -34.38 -24.80 3.56
N HIS A 81 -35.25 -25.72 3.10
CA HIS A 81 -35.63 -25.86 1.67
C HIS A 81 -34.39 -26.07 0.78
N GLY A 82 -33.39 -26.79 1.27
CA GLY A 82 -32.12 -27.09 0.56
C GLY A 82 -31.22 -25.85 0.41
N VAL A 83 -31.48 -24.78 1.15
CA VAL A 83 -30.66 -23.53 1.16
C VAL A 83 -29.85 -23.53 2.44
N PRO A 84 -28.50 -23.35 2.34
CA PRO A 84 -27.67 -23.17 3.54
C PRO A 84 -28.04 -21.87 4.27
N VAL A 85 -28.28 -21.95 5.57
CA VAL A 85 -28.53 -20.78 6.46
C VAL A 85 -27.43 -20.84 7.51
N ILE A 86 -26.46 -19.93 7.44
CA ILE A 86 -25.33 -19.90 8.42
C ILE A 86 -25.55 -18.73 9.38
N TYR A 87 -25.52 -19.04 10.68
CA TYR A 87 -25.79 -18.08 11.77
C TYR A 87 -24.46 -17.55 12.30
N LEU A 88 -24.37 -16.23 12.49
CA LEU A 88 -23.19 -15.53 13.04
C LEU A 88 -23.71 -14.60 14.14
N SER A 89 -23.06 -14.60 15.31
N SER A 89 -23.06 -14.60 15.31
CA SER A 89 -23.31 -13.65 16.42
CA SER A 89 -23.33 -13.64 16.40
C SER A 89 -22.65 -12.32 16.04
C SER A 89 -22.64 -12.31 16.05
N GLN A 90 -23.22 -11.20 16.50
CA GLN A 90 -22.69 -9.82 16.25
C GLN A 90 -22.55 -9.59 14.74
N LEU A 91 -23.54 -9.98 13.94
CA LEU A 91 -23.43 -9.90 12.46
C LEU A 91 -23.39 -8.43 12.01
N ASN A 92 -24.03 -7.50 12.71
CA ASN A 92 -23.90 -6.05 12.41
C ASN A 92 -22.42 -5.61 12.49
N GLU A 93 -21.66 -6.14 13.45
CA GLU A 93 -20.23 -5.77 13.70
C GLU A 93 -19.36 -6.37 12.60
N ARG A 94 -19.78 -7.49 12.00
CA ARG A 94 -18.90 -8.33 11.13
C ARG A 94 -19.25 -8.08 9.67
N LEU A 95 -20.32 -7.33 9.42
CA LEU A 95 -20.91 -7.21 8.06
C LEU A 95 -19.88 -6.54 7.14
N SER A 96 -19.16 -5.51 7.61
CA SER A 96 -18.09 -4.86 6.81
C SER A 96 -17.06 -5.88 6.36
N ALA A 97 -16.51 -6.69 7.27
CA ALA A 97 -15.48 -7.71 6.93
C ALA A 97 -16.08 -8.75 5.95
N LEU A 98 -17.32 -9.17 6.18
CA LEU A 98 -18.01 -10.18 5.34
C LEU A 98 -18.13 -9.66 3.91
N ALA A 99 -18.63 -8.45 3.74
CA ALA A 99 -18.82 -7.78 2.44
C ALA A 99 -17.45 -7.48 1.82
N GLY A 100 -16.49 -7.06 2.62
CA GLY A 100 -15.10 -6.82 2.16
C GLY A 100 -14.55 -8.05 1.45
N ARG A 101 -14.66 -9.21 2.10
CA ARG A 101 -14.21 -10.49 1.50
C ARG A 101 -15.06 -10.84 0.26
N PHE A 102 -16.38 -10.63 0.31
CA PHE A 102 -17.31 -10.95 -0.79
C PHE A 102 -16.85 -10.19 -2.05
N TYR A 103 -16.47 -8.92 -1.87
CA TYR A 103 -16.13 -7.99 -2.98
C TYR A 103 -14.62 -7.99 -3.25
N HIS A 104 -13.85 -8.92 -2.67
CA HIS A 104 -12.41 -9.14 -2.96
C HIS A 104 -11.59 -7.94 -2.45
N GLU A 105 -11.96 -7.46 -1.27
CA GLU A 105 -11.14 -6.49 -0.47
C GLU A 105 -10.80 -5.26 -1.30
N PRO A 106 -11.79 -4.45 -1.72
CA PRO A 106 -11.51 -3.28 -2.55
C PRO A 106 -10.57 -2.23 -1.90
N SER A 107 -10.62 -2.09 -0.57
CA SER A 107 -9.76 -1.12 0.16
C SER A 107 -8.32 -1.61 0.23
N ASP A 108 -8.03 -2.86 -0.12
CA ASP A 108 -6.64 -3.37 -0.33
C ASP A 108 -6.20 -3.16 -1.79
N ASN A 109 -7.07 -2.74 -2.70
CA ASN A 109 -6.75 -2.60 -4.15
C ASN A 109 -6.81 -1.15 -4.59
N LEU A 110 -7.02 -0.22 -3.66
CA LEU A 110 -6.74 1.21 -3.92
C LEU A 110 -6.27 1.87 -2.63
N ARG A 111 -5.80 3.11 -2.74
CA ARG A 111 -5.38 3.93 -1.58
C ARG A 111 -6.59 4.69 -1.04
N LEU A 112 -7.10 4.26 0.11
CA LEU A 112 -8.31 4.83 0.72
C LEU A 112 -7.90 5.82 1.81
N VAL A 113 -8.34 7.07 1.69
CA VAL A 113 -8.14 8.08 2.77
C VAL A 113 -9.50 8.45 3.34
N GLY A 114 -9.66 8.31 4.66
CA GLY A 114 -10.89 8.72 5.35
C GLY A 114 -10.76 10.10 5.93
N VAL A 115 -11.83 10.90 5.87
CA VAL A 115 -11.86 12.26 6.48
C VAL A 115 -13.05 12.30 7.43
N THR A 116 -12.78 12.61 8.71
CA THR A 116 -13.75 12.74 9.79
C THR A 116 -13.70 14.13 10.41
N GLY A 117 -14.82 14.55 11.01
CA GLY A 117 -14.92 15.87 11.64
C GLY A 117 -16.23 16.55 11.32
N THR A 118 -16.49 17.68 11.93
CA THR A 118 -17.78 18.37 11.75
C THR A 118 -17.82 19.06 10.38
N ASN A 119 -16.81 19.85 10.05
CA ASN A 119 -16.80 20.73 8.85
C ASN A 119 -15.62 20.34 7.95
N GLY A 120 -15.72 20.71 6.67
CA GLY A 120 -14.59 20.68 5.72
C GLY A 120 -14.33 19.28 5.15
N LYS A 121 -15.22 18.32 5.44
CA LYS A 121 -15.06 16.92 4.96
C LYS A 121 -15.17 16.91 3.45
N THR A 122 -16.11 17.66 2.87
CA THR A 122 -16.40 17.61 1.41
C THR A 122 -15.21 18.21 0.68
N THR A 123 -14.75 19.38 1.13
CA THR A 123 -13.66 20.11 0.47
C THR A 123 -12.38 19.28 0.63
N THR A 124 -12.11 18.78 1.82
CA THR A 124 -10.84 18.04 2.06
C THR A 124 -10.82 16.77 1.19
N THR A 125 -11.92 16.04 1.07
CA THR A 125 -11.98 14.84 0.20
C THR A 125 -11.77 15.22 -1.26
N GLN A 126 -12.39 16.31 -1.73
N GLN A 126 -12.41 16.29 -1.75
CA GLN A 126 -12.26 16.72 -3.15
CA GLN A 126 -12.23 16.72 -3.17
C GLN A 126 -10.80 17.14 -3.44
C GLN A 126 -10.77 17.09 -3.43
N LEU A 127 -10.14 17.82 -2.49
CA LEU A 127 -8.74 18.26 -2.65
C LEU A 127 -7.84 17.01 -2.69
N LEU A 128 -8.10 16.03 -1.82
CA LEU A 128 -7.29 14.78 -1.73
C LEU A 128 -7.42 14.06 -3.08
N ALA A 129 -8.63 13.89 -3.57
CA ALA A 129 -8.88 13.18 -4.85
C ALA A 129 -8.24 13.96 -6.00
N GLN A 130 -8.42 15.29 -6.03
CA GLN A 130 -7.92 16.12 -7.15
C GLN A 130 -6.40 16.11 -7.17
N TRP A 131 -5.78 16.37 -6.03
CA TRP A 131 -4.31 16.50 -5.93
C TRP A 131 -3.65 15.16 -6.28
N SER A 132 -4.16 14.06 -5.74
CA SER A 132 -3.66 12.68 -6.05
C SER A 132 -3.79 12.43 -7.56
N GLN A 133 -4.88 12.86 -8.20
CA GLN A 133 -5.06 12.62 -9.66
C GLN A 133 -4.10 13.51 -10.48
N LEU A 134 -3.83 14.74 -10.02
CA LEU A 134 -2.79 15.60 -10.65
C LEU A 134 -1.45 14.89 -10.61
N LEU A 135 -1.18 14.05 -9.60
CA LEU A 135 0.13 13.34 -9.48
C LEU A 135 0.06 11.99 -10.19
N GLY A 136 -1.06 11.64 -10.83
CA GLY A 136 -1.13 10.48 -11.74
C GLY A 136 -2.02 9.34 -11.25
N GLU A 137 -2.70 9.46 -10.10
CA GLU A 137 -3.71 8.45 -9.67
C GLU A 137 -4.93 8.59 -10.56
N ILE A 138 -5.79 7.57 -10.61
CA ILE A 138 -7.20 7.72 -11.02
C ILE A 138 -8.01 7.79 -9.72
N SER A 139 -8.48 8.98 -9.37
CA SER A 139 -9.02 9.23 -8.02
C SER A 139 -10.55 9.25 -8.07
N ALA A 140 -11.16 9.02 -6.92
CA ALA A 140 -12.61 8.90 -6.71
C ALA A 140 -12.95 9.49 -5.35
N VAL A 141 -14.23 9.81 -5.17
CA VAL A 141 -14.76 10.34 -3.90
C VAL A 141 -15.97 9.49 -3.54
N MET A 142 -16.15 9.33 -2.23
CA MET A 142 -17.39 8.84 -1.62
C MET A 142 -17.73 9.81 -0.49
N GLY A 143 -18.92 10.39 -0.53
CA GLY A 143 -19.34 11.44 0.41
C GLY A 143 -20.75 11.92 0.16
N THR A 144 -21.09 13.06 0.75
CA THR A 144 -22.47 13.58 0.85
C THR A 144 -22.92 14.10 -0.53
N VAL A 145 -21.98 14.55 -1.36
CA VAL A 145 -22.19 14.97 -2.78
C VAL A 145 -22.44 13.74 -3.67
N GLY A 146 -22.02 12.54 -3.25
CA GLY A 146 -22.18 11.28 -4.02
C GLY A 146 -20.87 10.53 -4.15
N ASN A 147 -20.85 9.49 -5.00
CA ASN A 147 -19.72 8.55 -5.19
C ASN A 147 -19.34 8.53 -6.68
N GLY A 148 -18.05 8.37 -6.97
CA GLY A 148 -17.57 8.17 -8.35
C GLY A 148 -16.17 8.69 -8.59
N LEU A 149 -15.60 8.31 -9.73
CA LEU A 149 -14.38 8.93 -10.28
C LEU A 149 -14.62 10.44 -10.37
N LEU A 150 -13.57 11.25 -10.19
CA LEU A 150 -13.69 12.73 -10.34
C LEU A 150 -14.37 13.07 -11.66
N GLY A 151 -15.24 14.08 -11.64
CA GLY A 151 -16.05 14.53 -12.80
C GLY A 151 -17.24 13.62 -13.10
N LYS A 152 -17.40 12.50 -12.40
CA LYS A 152 -18.47 11.50 -12.67
C LYS A 152 -19.12 11.08 -11.36
N VAL A 153 -19.16 12.00 -10.37
CA VAL A 153 -19.72 11.77 -9.01
C VAL A 153 -21.24 11.88 -9.11
N ILE A 154 -21.98 10.84 -8.71
CA ILE A 154 -23.48 10.81 -8.81
C ILE A 154 -24.04 10.56 -7.41
N PRO A 155 -25.15 11.24 -7.02
CA PRO A 155 -25.69 11.19 -5.64
C PRO A 155 -25.87 9.80 -5.01
N GLY A 161 -27.07 3.69 3.36
CA GLY A 161 -25.72 3.15 3.14
C GLY A 161 -25.30 2.15 4.21
N SER A 162 -25.56 0.86 4.01
CA SER A 162 -25.13 -0.24 4.92
C SER A 162 -23.61 -0.50 4.75
N ALA A 163 -23.04 -1.34 5.61
CA ALA A 163 -21.63 -1.80 5.47
C ALA A 163 -21.45 -2.51 4.12
N VAL A 164 -22.47 -3.22 3.64
CA VAL A 164 -22.44 -3.92 2.33
C VAL A 164 -22.37 -2.86 1.20
N ASP A 165 -23.22 -1.83 1.25
CA ASP A 165 -23.26 -0.79 0.17
C ASP A 165 -21.91 -0.10 0.05
N VAL A 166 -21.24 0.15 1.19
CA VAL A 166 -19.92 0.84 1.16
C VAL A 166 -18.92 -0.05 0.40
N GLN A 167 -18.87 -1.33 0.76
CA GLN A 167 -17.88 -2.25 0.17
C GLN A 167 -18.20 -2.44 -1.33
N HIS A 168 -19.47 -2.62 -1.68
CA HIS A 168 -19.95 -2.75 -3.08
C HIS A 168 -19.54 -1.52 -3.90
N GLU A 169 -19.76 -0.33 -3.35
CA GLU A 169 -19.46 0.95 -4.05
C GLU A 169 -17.96 1.03 -4.28
N LEU A 170 -17.14 0.72 -3.26
CA LEU A 170 -15.67 0.78 -3.41
C LEU A 170 -15.23 -0.20 -4.50
N ALA A 171 -15.80 -1.42 -4.51
CA ALA A 171 -15.52 -2.48 -5.51
C ALA A 171 -15.84 -1.94 -6.90
N GLY A 172 -16.98 -1.25 -7.01
CA GLY A 172 -17.40 -0.55 -8.23
C GLY A 172 -16.36 0.45 -8.68
N LEU A 173 -15.78 1.23 -7.74
CA LEU A 173 -14.74 2.23 -8.09
C LEU A 173 -13.49 1.48 -8.57
N VAL A 174 -13.08 0.41 -7.89
CA VAL A 174 -11.87 -0.38 -8.24
C VAL A 174 -12.08 -0.95 -9.66
N ASP A 175 -13.25 -1.52 -9.94
CA ASP A 175 -13.61 -2.06 -11.29
C ASP A 175 -13.46 -0.99 -12.36
N GLN A 176 -13.74 0.29 -12.03
CA GLN A 176 -13.66 1.42 -12.97
C GLN A 176 -12.23 1.98 -13.10
N GLY A 177 -11.24 1.41 -12.40
CA GLY A 177 -9.80 1.78 -12.53
C GLY A 177 -9.27 2.70 -11.43
N ALA A 178 -10.09 3.04 -10.44
CA ALA A 178 -9.70 3.95 -9.33
C ALA A 178 -8.53 3.32 -8.56
N THR A 179 -7.47 4.12 -8.30
CA THR A 179 -6.27 3.75 -7.53
C THR A 179 -6.23 4.56 -6.24
N PHE A 180 -7.15 5.50 -6.10
CA PHE A 180 -7.24 6.42 -4.96
C PHE A 180 -8.71 6.78 -4.72
N CYS A 181 -9.13 6.71 -3.47
CA CYS A 181 -10.49 7.13 -3.04
C CYS A 181 -10.39 7.95 -1.74
N ALA A 182 -10.99 9.13 -1.75
CA ALA A 182 -11.18 10.01 -0.57
C ALA A 182 -12.63 9.86 -0.12
N MET A 183 -12.81 9.42 1.12
CA MET A 183 -14.13 9.08 1.68
C MET A 183 -14.42 10.00 2.86
N GLU A 184 -15.57 10.67 2.81
CA GLU A 184 -16.11 11.36 4.01
C GLU A 184 -16.57 10.25 4.96
N VAL A 185 -16.10 10.25 6.19
CA VAL A 185 -16.60 9.31 7.22
C VAL A 185 -17.42 10.07 8.25
N SER A 186 -18.69 9.72 8.41
CA SER A 186 -19.60 10.34 9.41
C SER A 186 -19.41 9.66 10.76
N SER A 187 -19.62 10.41 11.83
CA SER A 187 -19.65 9.85 13.18
C SER A 187 -20.60 8.65 13.19
N HIS A 188 -21.80 8.82 12.60
CA HIS A 188 -22.85 7.77 12.51
C HIS A 188 -22.32 6.53 11.77
N GLY A 189 -21.64 6.69 10.63
CA GLY A 189 -21.03 5.56 9.88
C GLY A 189 -20.05 4.77 10.73
N LEU A 190 -19.16 5.46 11.43
CA LEU A 190 -18.12 4.85 12.29
C LEU A 190 -18.83 4.05 13.40
N VAL A 191 -19.78 4.65 14.11
CA VAL A 191 -20.46 4.04 15.30
C VAL A 191 -21.25 2.80 14.86
N GLN A 192 -21.91 2.85 13.70
CA GLN A 192 -22.79 1.75 13.20
C GLN A 192 -21.96 0.76 12.39
N HIS A 193 -20.63 0.79 12.45
CA HIS A 193 -19.73 -0.26 11.92
C HIS A 193 -19.79 -0.30 10.38
N ARG A 194 -20.14 0.82 9.76
CA ARG A 194 -20.26 0.90 8.28
C ARG A 194 -18.88 0.89 7.61
N VAL A 195 -17.79 1.22 8.31
CA VAL A 195 -16.43 1.21 7.68
C VAL A 195 -15.50 0.29 8.48
N ALA A 196 -16.07 -0.60 9.29
CA ALA A 196 -15.30 -1.33 10.31
C ALA A 196 -14.12 -2.12 9.68
N ALA A 197 -14.27 -2.73 8.49
CA ALA A 197 -13.20 -3.58 7.93
C ALA A 197 -12.42 -2.86 6.82
N LEU A 198 -12.60 -1.54 6.65
CA LEU A 198 -11.92 -0.83 5.56
C LEU A 198 -10.45 -0.63 5.95
N LYS A 199 -9.55 -0.87 5.01
CA LYS A 199 -8.11 -0.54 5.20
C LYS A 199 -7.88 0.91 4.80
N PHE A 200 -7.94 1.83 5.76
CA PHE A 200 -7.58 3.24 5.49
C PHE A 200 -6.05 3.37 5.47
N ALA A 201 -5.52 3.91 4.38
CA ALA A 201 -4.09 4.30 4.24
C ALA A 201 -3.82 5.49 5.17
N ALA A 202 -4.83 6.32 5.36
CA ALA A 202 -4.70 7.52 6.21
C ALA A 202 -6.09 7.96 6.66
N SER A 203 -6.13 8.61 7.81
CA SER A 203 -7.34 9.18 8.46
C SER A 203 -7.02 10.63 8.80
N VAL A 204 -7.89 11.51 8.37
CA VAL A 204 -7.76 12.99 8.49
C VAL A 204 -8.86 13.45 9.44
N PHE A 205 -8.51 14.24 10.44
CA PHE A 205 -9.45 14.90 11.37
C PHE A 205 -9.46 16.41 11.07
N THR A 206 -10.61 16.97 10.70
CA THR A 206 -10.71 18.41 10.36
C THR A 206 -10.97 19.19 11.67
N ASN A 207 -12.05 18.91 12.37
CA ASN A 207 -12.47 19.72 13.55
C ASN A 207 -13.65 19.05 14.23
N LEU A 208 -13.92 19.40 15.50
CA LEU A 208 -15.10 18.92 16.28
C LEU A 208 -15.85 20.14 16.81
N SER A 209 -17.00 20.44 16.22
CA SER A 209 -17.92 21.54 16.63
C SER A 209 -19.12 20.88 17.28
N ARG A 210 -18.91 19.99 18.24
CA ARG A 210 -20.04 19.41 19.00
C ARG A 210 -20.31 20.33 20.20
N ASP A 211 -21.43 21.03 20.13
CA ASP A 211 -22.12 21.52 21.33
C ASP A 211 -22.49 20.25 22.12
N HIS A 212 -23.14 20.42 23.28
CA HIS A 212 -23.72 19.32 24.07
C HIS A 212 -22.62 18.64 24.91
N LEU A 213 -21.36 19.12 24.85
CA LEU A 213 -20.19 18.42 25.44
C LEU A 213 -19.52 19.28 26.52
N ASP A 214 -20.27 20.19 27.15
CA ASP A 214 -19.76 21.14 28.18
C ASP A 214 -19.35 20.42 29.46
N TYR A 215 -20.09 19.36 29.86
CA TYR A 215 -19.82 18.55 31.09
C TYR A 215 -18.65 17.59 30.87
N HIS A 216 -17.71 17.59 31.82
CA HIS A 216 -16.41 16.87 31.75
C HIS A 216 -16.68 15.37 31.53
N GLY A 217 -17.65 14.80 32.26
CA GLY A 217 -18.05 13.39 32.08
C GLY A 217 -18.52 13.10 30.67
N ASP A 218 -19.24 14.05 30.04
CA ASP A 218 -19.81 13.91 28.66
C ASP A 218 -18.66 13.98 27.63
N MET A 219 -17.72 14.95 27.77
CA MET A 219 -16.53 15.06 26.91
C MET A 219 -15.67 13.79 27.07
N GLU A 220 -15.50 13.30 28.31
CA GLU A 220 -14.75 12.07 28.62
C GLU A 220 -15.39 10.85 27.95
N HIS A 221 -16.73 10.69 28.01
CA HIS A 221 -17.41 9.50 27.45
C HIS A 221 -17.34 9.55 25.92
N TYR A 222 -17.53 10.75 25.35
CA TYR A 222 -17.54 10.98 23.89
C TYR A 222 -16.17 10.59 23.36
N GLU A 223 -15.11 11.18 23.93
CA GLU A 223 -13.70 10.88 23.58
C GLU A 223 -13.44 9.39 23.78
N ALA A 224 -13.95 8.80 24.87
CA ALA A 224 -13.73 7.36 25.20
C ALA A 224 -14.32 6.50 24.07
N ALA A 225 -15.56 6.77 23.67
CA ALA A 225 -16.28 6.08 22.57
C ALA A 225 -15.46 6.19 21.28
N LYS A 226 -15.00 7.40 20.94
CA LYS A 226 -14.16 7.63 19.72
C LYS A 226 -12.83 6.88 19.79
N TRP A 227 -12.09 6.95 20.90
CA TRP A 227 -10.79 6.25 21.06
C TRP A 227 -11.01 4.75 20.84
N LEU A 228 -12.06 4.21 21.45
CA LEU A 228 -12.41 2.77 21.33
C LEU A 228 -12.60 2.42 19.84
N LEU A 229 -13.39 3.23 19.11
CA LEU A 229 -13.61 3.04 17.64
C LEU A 229 -12.27 3.05 16.88
N TYR A 230 -11.38 4.01 17.13
N TYR A 230 -11.43 4.07 17.13
CA TYR A 230 -10.13 4.09 16.34
CA TYR A 230 -10.05 4.22 16.56
C TYR A 230 -9.17 2.96 16.75
C TYR A 230 -9.28 2.91 16.73
N SER A 231 -9.22 2.43 17.98
CA SER A 231 -8.47 1.22 18.38
C SER A 231 -8.98 -0.01 17.61
N GLU A 232 -10.22 0.04 17.12
CA GLU A 232 -10.87 -1.11 16.43
C GLU A 232 -10.64 -1.01 14.92
N HIS A 233 -10.35 0.17 14.37
CA HIS A 233 -10.27 0.38 12.91
C HIS A 233 -8.81 0.38 12.46
N HIS A 234 -8.62 0.07 11.18
CA HIS A 234 -7.35 0.24 10.45
C HIS A 234 -7.32 1.68 9.91
N CYS A 235 -6.87 2.59 10.75
CA CYS A 235 -6.87 4.06 10.52
C CYS A 235 -5.74 4.51 9.61
N GLY A 236 -4.68 3.72 9.50
CA GLY A 236 -3.48 4.09 8.73
C GLY A 236 -2.78 5.27 9.38
N GLN A 237 -2.15 6.12 8.58
CA GLN A 237 -1.51 7.36 9.10
C GLN A 237 -2.59 8.37 9.50
N ALA A 238 -2.40 8.96 10.67
CA ALA A 238 -3.31 9.94 11.29
C ALA A 238 -2.80 11.35 10.90
N ILE A 239 -3.69 12.17 10.38
CA ILE A 239 -3.38 13.59 10.06
C ILE A 239 -4.43 14.40 10.78
N ILE A 240 -3.99 15.26 11.71
CA ILE A 240 -4.87 15.93 12.72
C ILE A 240 -4.66 17.44 12.68
N ASN A 241 -5.77 18.16 12.57
CA ASN A 241 -5.77 19.62 12.70
C ASN A 241 -5.46 20.01 14.16
N ALA A 242 -4.26 20.53 14.39
CA ALA A 242 -3.77 21.01 15.70
C ALA A 242 -4.41 22.34 16.11
N ASP A 243 -5.19 22.97 15.23
CA ASP A 243 -5.94 24.22 15.54
C ASP A 243 -7.28 23.87 16.21
N ASP A 244 -7.66 22.59 16.20
CA ASP A 244 -8.82 22.07 16.96
C ASP A 244 -8.33 21.59 18.33
N GLU A 245 -8.97 22.03 19.42
CA GLU A 245 -8.62 21.69 20.83
C GLU A 245 -8.62 20.17 21.01
N VAL A 246 -9.61 19.48 20.43
CA VAL A 246 -9.72 18.00 20.59
C VAL A 246 -8.57 17.36 19.79
N GLY A 247 -8.37 17.85 18.56
CA GLY A 247 -7.23 17.46 17.73
C GLY A 247 -5.92 17.50 18.51
N ARG A 248 -5.69 18.61 19.22
N ARG A 248 -5.65 18.61 19.21
CA ARG A 248 -4.47 18.85 20.04
CA ARG A 248 -4.40 18.76 20.02
C ARG A 248 -4.36 17.77 21.13
C ARG A 248 -4.35 17.70 21.12
N ARG A 249 -5.47 17.45 21.80
CA ARG A 249 -5.49 16.39 22.86
C ARG A 249 -5.13 15.03 22.25
N TRP A 250 -5.63 14.71 21.06
CA TRP A 250 -5.34 13.41 20.40
C TRP A 250 -3.88 13.38 19.93
N LEU A 251 -3.38 14.51 19.41
CA LEU A 251 -1.97 14.61 18.95
C LEU A 251 -1.00 14.35 20.12
N ALA A 252 -1.36 14.79 21.33
CA ALA A 252 -0.53 14.60 22.55
C ALA A 252 -0.41 13.10 22.88
N LYS A 253 -1.32 12.25 22.38
CA LYS A 253 -1.35 10.78 22.62
C LYS A 253 -0.86 9.96 21.41
N LEU A 254 -0.63 10.58 20.24
CA LEU A 254 -0.30 9.87 18.99
C LEU A 254 1.00 10.41 18.40
N PRO A 255 2.15 9.89 18.85
CA PRO A 255 3.45 10.44 18.44
C PRO A 255 3.76 10.25 16.94
N ASP A 256 3.04 9.36 16.24
CA ASP A 256 3.25 9.06 14.80
C ASP A 256 2.29 9.88 13.94
N ALA A 257 1.38 10.62 14.57
CA ALA A 257 0.38 11.45 13.85
C ALA A 257 1.10 12.66 13.28
N VAL A 258 0.54 13.26 12.23
CA VAL A 258 0.99 14.53 11.61
C VAL A 258 0.11 15.67 12.15
N ALA A 259 0.76 16.67 12.76
CA ALA A 259 0.10 17.87 13.31
C ALA A 259 0.05 18.91 12.20
N VAL A 260 -1.13 19.46 11.91
CA VAL A 260 -1.30 20.54 10.90
C VAL A 260 -1.86 21.77 11.63
N SER A 261 -1.31 22.94 11.33
CA SER A 261 -1.69 24.23 11.97
C SER A 261 -1.58 25.37 10.96
N MET A 262 -2.45 26.35 11.07
CA MET A 262 -2.21 27.67 10.42
C MET A 262 -2.24 28.76 11.49
N GLU A 263 -2.24 28.39 12.79
CA GLU A 263 -2.42 29.34 13.92
C GLU A 263 -1.40 29.07 15.03
N ASP A 264 -0.21 28.58 14.71
CA ASP A 264 0.91 28.40 15.66
C ASP A 264 0.66 27.35 16.76
N HIS A 265 -0.01 26.22 16.50
CA HIS A 265 -0.28 25.17 17.53
C HIS A 265 0.63 23.93 17.37
N ILE A 266 1.63 23.95 16.50
CA ILE A 266 2.67 22.89 16.42
C ILE A 266 3.56 23.06 17.64
N ASN A 267 3.71 22.02 18.47
CA ASN A 267 4.76 21.96 19.51
C ASN A 267 6.03 21.32 18.92
N PRO A 268 7.09 22.11 18.65
CA PRO A 268 8.30 21.57 18.01
C PRO A 268 9.16 20.64 18.88
N ASN A 269 8.96 20.64 20.22
CA ASN A 269 9.70 19.75 21.16
C ASN A 269 9.32 18.26 20.96
N CYS A 270 8.18 17.97 20.31
N CYS A 270 8.17 17.96 20.32
CA CYS A 270 7.68 16.58 20.13
CA CYS A 270 7.69 16.57 20.10
C CYS A 270 8.48 15.86 19.03
C CYS A 270 8.57 15.85 19.08
N HIS A 271 9.20 16.58 18.16
CA HIS A 271 9.98 16.01 17.03
C HIS A 271 9.11 15.02 16.22
N GLY A 272 7.81 15.30 16.06
CA GLY A 272 6.88 14.54 15.22
C GLY A 272 6.83 15.16 13.83
N ARG A 273 6.03 14.61 12.95
CA ARG A 273 5.82 15.17 11.60
C ARG A 273 4.83 16.32 11.72
N TRP A 274 5.04 17.38 10.95
CA TRP A 274 4.23 18.61 11.11
C TRP A 274 4.21 19.38 9.79
N LEU A 275 3.18 20.22 9.66
CA LEU A 275 2.97 21.15 8.52
C LEU A 275 2.26 22.37 9.11
N LYS A 276 2.82 23.54 8.84
CA LYS A 276 2.43 24.81 9.47
C LYS A 276 2.43 25.92 8.40
N ALA A 277 1.27 26.54 8.14
CA ALA A 277 1.23 27.82 7.39
C ALA A 277 1.95 28.85 8.29
N THR A 278 2.99 29.51 7.78
CA THR A 278 3.71 30.59 8.50
C THR A 278 3.15 31.94 8.10
N GLU A 279 2.67 32.08 6.86
CA GLU A 279 2.11 33.35 6.35
C GLU A 279 1.04 33.03 5.32
N VAL A 280 -0.09 33.73 5.38
CA VAL A 280 -1.10 33.65 4.29
C VAL A 280 -1.39 35.07 3.83
N ASN A 281 -1.32 35.30 2.52
CA ASN A 281 -1.86 36.51 1.88
C ASN A 281 -3.18 36.16 1.21
N TYR A 282 -4.31 36.60 1.77
CA TYR A 282 -5.65 36.45 1.17
C TYR A 282 -5.82 37.57 0.13
N HIS A 283 -5.94 37.22 -1.15
CA HIS A 283 -6.00 38.23 -2.24
C HIS A 283 -7.20 37.95 -3.16
N ASP A 284 -7.26 38.69 -4.26
CA ASP A 284 -8.48 38.86 -5.07
C ASP A 284 -8.86 37.50 -5.66
N SER A 285 -7.89 36.60 -5.91
CA SER A 285 -8.14 35.35 -6.66
C SER A 285 -7.82 34.10 -5.82
N GLY A 286 -7.55 34.25 -4.53
CA GLY A 286 -7.27 33.12 -3.64
C GLY A 286 -6.33 33.49 -2.53
N ALA A 287 -5.46 32.55 -2.13
CA ALA A 287 -4.54 32.70 -0.99
C ALA A 287 -3.14 32.27 -1.41
N THR A 288 -2.16 33.11 -1.12
CA THR A 288 -0.73 32.69 -1.20
C THR A 288 -0.34 32.15 0.17
N ILE A 289 -0.05 30.84 0.25
CA ILE A 289 0.19 30.13 1.54
C ILE A 289 1.68 29.80 1.60
N ARG A 290 2.39 30.42 2.54
CA ARG A 290 3.79 30.05 2.86
C ARG A 290 3.76 29.11 4.06
N PHE A 291 4.54 28.05 4.00
CA PHE A 291 4.48 26.95 4.97
C PHE A 291 5.84 26.29 5.12
N SER A 292 6.06 25.76 6.33
N SER A 292 6.05 25.73 6.30
CA SER A 292 7.18 24.87 6.70
CA SER A 292 7.18 24.86 6.65
C SER A 292 6.59 23.51 7.06
C SER A 292 6.60 23.50 7.08
N SER A 293 7.39 22.45 6.97
CA SER A 293 6.96 21.08 7.28
C SER A 293 8.21 20.25 7.50
N SER A 294 8.04 19.09 8.10
CA SER A 294 9.12 18.11 8.28
C SER A 294 9.57 17.55 6.92
N TRP A 295 8.87 17.88 5.82
CA TRP A 295 9.22 17.44 4.44
C TRP A 295 9.95 18.55 3.69
N GLY A 296 10.03 19.75 4.27
CA GLY A 296 10.53 20.95 3.57
C GLY A 296 9.47 22.04 3.50
N ASP A 297 9.89 23.18 2.96
CA ASP A 297 9.12 24.44 3.00
C ASP A 297 8.66 24.78 1.59
N GLY A 298 7.74 25.71 1.47
CA GLY A 298 7.24 26.10 0.15
C GLY A 298 6.23 27.20 0.22
N GLU A 299 5.66 27.49 -0.93
CA GLU A 299 4.62 28.52 -1.10
C GLU A 299 3.63 27.93 -2.10
N ILE A 300 2.34 27.96 -1.75
CA ILE A 300 1.24 27.41 -2.58
C ILE A 300 0.37 28.58 -3.02
N GLU A 301 0.01 28.61 -4.30
CA GLU A 301 -1.02 29.52 -4.87
C GLU A 301 -2.34 28.74 -4.94
N SER A 302 -3.17 28.90 -3.92
CA SER A 302 -4.52 28.33 -3.78
C SER A 302 -5.53 29.24 -4.48
N HIS A 303 -6.43 28.65 -5.25
CA HIS A 303 -7.58 29.33 -5.92
C HIS A 303 -8.85 29.13 -5.08
N LEU A 304 -8.70 28.71 -3.83
CA LEU A 304 -9.82 28.55 -2.86
C LEU A 304 -9.81 29.78 -1.95
N MET A 305 -10.98 30.10 -1.38
CA MET A 305 -11.22 31.35 -0.63
C MET A 305 -11.46 31.03 0.86
N GLY A 306 -10.90 31.86 1.75
CA GLY A 306 -11.20 31.87 3.19
C GLY A 306 -10.17 31.09 3.99
N ALA A 307 -10.16 31.28 5.32
CA ALA A 307 -9.21 30.62 6.24
C ALA A 307 -9.51 29.11 6.34
N PHE A 308 -10.77 28.70 6.43
CA PHE A 308 -11.12 27.27 6.58
C PHE A 308 -10.60 26.48 5.38
N ASN A 309 -10.58 27.07 4.18
CA ASN A 309 -10.09 26.39 2.96
C ASN A 309 -8.56 26.35 2.96
N VAL A 310 -7.88 27.27 3.68
CA VAL A 310 -6.41 27.12 3.87
C VAL A 310 -6.18 25.83 4.66
N SER A 311 -6.89 25.66 5.76
CA SER A 311 -6.86 24.50 6.68
C SER A 311 -7.15 23.19 5.92
N ASN A 312 -8.25 23.15 5.18
CA ASN A 312 -8.63 22.00 4.33
C ASN A 312 -7.47 21.63 3.39
N LEU A 313 -6.91 22.63 2.71
N LEU A 313 -6.91 22.64 2.70
CA LEU A 313 -5.80 22.40 1.74
CA LEU A 313 -5.79 22.48 1.74
C LEU A 313 -4.56 21.87 2.49
C LEU A 313 -4.55 21.92 2.46
N LEU A 314 -4.17 22.51 3.59
CA LEU A 314 -3.02 22.05 4.40
C LEU A 314 -3.24 20.61 4.90
N LEU A 315 -4.46 20.25 5.30
CA LEU A 315 -4.73 18.84 5.71
C LEU A 315 -4.51 17.90 4.52
N ALA A 316 -4.94 18.29 3.34
CA ALA A 316 -4.82 17.43 2.16
C ALA A 316 -3.33 17.30 1.81
N LEU A 317 -2.60 18.40 1.91
CA LEU A 317 -1.12 18.41 1.64
C LEU A 317 -0.38 17.46 2.58
N ALA A 318 -0.57 17.64 3.89
CA ALA A 318 0.05 16.83 4.97
C ALA A 318 -0.27 15.35 4.73
N THR A 319 -1.51 15.03 4.38
CA THR A 319 -1.94 13.65 4.08
C THR A 319 -1.11 13.05 2.93
N LEU A 320 -1.03 13.77 1.81
CA LEU A 320 -0.33 13.25 0.61
C LEU A 320 1.17 13.18 0.89
N LEU A 321 1.73 14.14 1.63
CA LEU A 321 3.16 14.06 2.04
C LEU A 321 3.37 12.81 2.92
N ALA A 322 2.50 12.56 3.89
CA ALA A 322 2.55 11.38 4.80
C ALA A 322 2.48 10.08 3.99
N LEU A 323 1.71 10.06 2.91
CA LEU A 323 1.59 8.86 2.06
C LEU A 323 2.75 8.74 1.07
N GLY A 324 3.71 9.68 1.03
CA GLY A 324 4.94 9.54 0.23
C GLY A 324 4.90 10.27 -1.11
N TYR A 325 3.89 11.08 -1.38
CA TYR A 325 3.83 11.92 -2.62
C TYR A 325 4.87 13.02 -2.49
N PRO A 326 5.74 13.25 -3.51
CA PRO A 326 6.85 14.18 -3.33
C PRO A 326 6.39 15.64 -3.23
N LEU A 327 6.93 16.37 -2.26
CA LEU A 327 6.61 17.79 -2.03
C LEU A 327 6.76 18.54 -3.36
N ALA A 328 7.82 18.30 -4.12
CA ALA A 328 8.09 19.08 -5.36
C ALA A 328 6.92 18.90 -6.33
N ASP A 329 6.36 17.70 -6.46
CA ASP A 329 5.25 17.42 -7.42
C ASP A 329 3.94 18.02 -6.89
N LEU A 330 3.74 18.04 -5.57
CA LEU A 330 2.52 18.62 -4.95
C LEU A 330 2.57 20.13 -5.17
N LEU A 331 3.68 20.78 -4.83
CA LEU A 331 3.87 22.25 -5.05
C LEU A 331 3.60 22.62 -6.52
N LYS A 332 4.02 21.79 -7.48
CA LYS A 332 3.96 22.11 -8.93
C LYS A 332 2.51 22.00 -9.43
N THR A 333 1.63 21.31 -8.70
CA THR A 333 0.23 21.02 -9.11
C THR A 333 -0.78 21.79 -8.25
N ALA A 334 -0.35 22.45 -7.15
CA ALA A 334 -1.28 23.11 -6.19
C ALA A 334 -2.19 24.13 -6.89
N ALA A 335 -1.68 24.84 -7.88
CA ALA A 335 -2.38 25.96 -8.56
C ALA A 335 -3.55 25.40 -9.40
N ARG A 336 -3.60 24.07 -9.60
CA ARG A 336 -4.68 23.41 -10.37
C ARG A 336 -5.78 22.92 -9.46
N LEU A 337 -5.65 23.04 -8.14
CA LEU A 337 -6.72 22.59 -7.21
C LEU A 337 -7.90 23.56 -7.38
N GLN A 338 -9.12 23.03 -7.48
CA GLN A 338 -10.35 23.82 -7.72
C GLN A 338 -11.20 23.87 -6.46
N PRO A 339 -12.07 24.88 -6.33
CA PRO A 339 -13.07 24.85 -5.28
C PRO A 339 -14.08 23.73 -5.58
N VAL A 340 -14.86 23.35 -4.56
CA VAL A 340 -16.12 22.58 -4.73
C VAL A 340 -17.08 23.53 -5.45
N CYS A 341 -17.70 23.11 -6.54
CA CYS A 341 -18.48 24.00 -7.43
C CYS A 341 -19.55 24.74 -6.59
N GLY A 342 -19.68 26.04 -6.78
CA GLY A 342 -20.64 26.87 -6.04
C GLY A 342 -20.35 26.95 -4.55
N ARG A 343 -19.15 26.52 -4.09
CA ARG A 343 -18.69 26.78 -2.70
C ARG A 343 -17.50 27.75 -2.71
N MET A 344 -17.76 28.98 -2.27
CA MET A 344 -16.77 30.10 -2.25
C MET A 344 -15.97 30.06 -3.54
N GLU A 345 -16.67 29.95 -4.67
CA GLU A 345 -16.08 29.82 -6.01
C GLU A 345 -15.81 31.22 -6.58
N VAL A 346 -14.55 31.52 -6.82
CA VAL A 346 -14.11 32.89 -7.15
C VAL A 346 -14.12 33.08 -8.67
N PHE A 347 -14.57 34.27 -9.11
CA PHE A 347 -14.57 34.71 -10.53
C PHE A 347 -13.87 36.07 -10.57
N THR A 348 -12.72 36.12 -11.23
CA THR A 348 -11.91 37.36 -11.37
C THR A 348 -11.66 37.59 -12.84
N ALA A 349 -11.34 38.82 -13.17
CA ALA A 349 -10.94 39.19 -14.54
C ALA A 349 -10.14 40.47 -14.44
N PRO A 350 -9.19 40.67 -15.39
CA PRO A 350 -8.39 41.89 -15.48
C PRO A 350 -9.24 43.14 -15.23
N GLY A 351 -8.90 43.92 -14.20
CA GLY A 351 -9.48 45.25 -13.95
C GLY A 351 -10.92 45.22 -13.44
N LYS A 352 -11.45 44.05 -13.05
CA LYS A 352 -12.86 43.87 -12.59
C LYS A 352 -12.90 43.54 -11.10
N PRO A 353 -14.04 43.72 -10.41
CA PRO A 353 -14.16 43.28 -9.02
C PRO A 353 -14.08 41.75 -8.95
N THR A 354 -13.70 41.26 -7.78
CA THR A 354 -13.72 39.82 -7.41
C THR A 354 -15.17 39.44 -7.15
N VAL A 355 -15.65 38.37 -7.77
CA VAL A 355 -17.02 37.88 -7.46
C VAL A 355 -16.90 36.46 -6.92
N VAL A 356 -17.59 36.19 -5.83
CA VAL A 356 -17.60 34.85 -5.17
C VAL A 356 -19.03 34.36 -5.23
N VAL A 357 -19.24 33.22 -5.87
CA VAL A 357 -20.55 32.52 -5.84
C VAL A 357 -20.50 31.47 -4.74
N ASP A 358 -21.48 31.50 -3.85
CA ASP A 358 -21.52 30.54 -2.73
C ASP A 358 -22.97 30.19 -2.45
N TYR A 359 -23.13 28.96 -2.01
CA TYR A 359 -24.41 28.29 -1.76
C TYR A 359 -25.09 28.85 -0.49
N ALA A 360 -24.38 29.64 0.34
CA ALA A 360 -24.84 30.07 1.68
C ALA A 360 -26.31 30.49 1.63
N HIS A 361 -27.18 29.78 2.36
CA HIS A 361 -28.63 30.13 2.42
C HIS A 361 -29.19 29.99 3.85
N THR A 362 -28.37 30.11 4.88
CA THR A 362 -28.79 30.15 6.31
C THR A 362 -28.02 31.27 6.97
N PRO A 363 -28.45 31.77 8.14
CA PRO A 363 -27.71 32.83 8.81
C PRO A 363 -26.25 32.47 9.04
N ASP A 364 -25.98 31.25 9.52
CA ASP A 364 -24.62 30.77 9.88
C ASP A 364 -23.72 30.64 8.63
N ALA A 365 -24.19 30.01 7.53
CA ALA A 365 -23.42 29.88 6.28
C ALA A 365 -23.16 31.29 5.71
N LEU A 366 -24.16 32.17 5.76
CA LEU A 366 -24.00 33.53 5.18
C LEU A 366 -22.93 34.29 5.95
N GLU A 367 -22.96 34.25 7.29
CA GLU A 367 -21.92 34.92 8.13
C GLU A 367 -20.52 34.35 7.78
N LYS A 368 -20.40 33.02 7.70
CA LYS A 368 -19.10 32.35 7.40
C LYS A 368 -18.58 32.79 6.02
N ALA A 369 -19.46 32.79 5.02
CA ALA A 369 -19.11 33.18 3.63
C ALA A 369 -18.63 34.63 3.61
N LEU A 370 -19.31 35.52 4.34
CA LEU A 370 -18.94 36.96 4.37
C LEU A 370 -17.61 37.13 5.10
N GLN A 371 -17.42 36.44 6.21
CA GLN A 371 -16.14 36.52 6.99
C GLN A 371 -15.00 36.02 6.10
N ALA A 372 -15.23 34.94 5.34
CA ALA A 372 -14.20 34.38 4.45
C ALA A 372 -13.89 35.37 3.31
N ALA A 373 -14.94 35.89 2.65
CA ALA A 373 -14.82 36.87 1.55
C ALA A 373 -14.12 38.15 2.06
N ARG A 374 -14.40 38.60 3.30
CA ARG A 374 -13.78 39.83 3.86
C ARG A 374 -12.24 39.73 3.84
N LEU A 375 -11.67 38.58 4.17
CA LEU A 375 -10.20 38.38 4.22
C LEU A 375 -9.55 38.76 2.88
N HIS A 376 -10.25 38.56 1.77
CA HIS A 376 -9.72 38.74 0.39
C HIS A 376 -10.07 40.14 -0.15
N CYS A 377 -10.70 40.99 0.66
CA CYS A 377 -11.38 42.21 0.19
C CYS A 377 -10.62 43.44 0.69
N ALA A 378 -9.91 44.11 -0.22
CA ALA A 378 -9.14 45.35 0.08
C ALA A 378 -10.10 46.54 0.16
N GLY A 379 -11.15 46.56 -0.68
CA GLY A 379 -12.12 47.66 -0.75
C GLY A 379 -13.38 47.35 0.03
N LYS A 380 -14.53 47.41 -0.64
CA LYS A 380 -15.87 47.22 -0.01
C LYS A 380 -16.36 45.79 -0.33
N LEU A 381 -16.97 45.16 0.66
CA LEU A 381 -17.63 43.84 0.52
C LEU A 381 -19.12 44.06 0.22
N TRP A 382 -19.56 43.64 -0.96
CA TRP A 382 -20.99 43.59 -1.37
C TRP A 382 -21.56 42.20 -1.12
N CYS A 383 -22.81 42.11 -0.69
CA CYS A 383 -23.54 40.83 -0.49
C CYS A 383 -24.85 40.82 -1.27
N VAL A 384 -24.92 40.07 -2.36
CA VAL A 384 -26.20 39.89 -3.13
C VAL A 384 -26.86 38.61 -2.65
N PHE A 385 -28.07 38.71 -2.13
CA PHE A 385 -28.81 37.55 -1.61
C PHE A 385 -30.31 37.84 -1.53
N GLY A 386 -31.06 36.75 -1.37
CA GLY A 386 -32.47 36.68 -0.97
C GLY A 386 -32.73 35.42 -0.15
N CYS A 387 -34.00 35.12 0.09
CA CYS A 387 -34.49 33.94 0.83
C CYS A 387 -35.59 33.26 0.04
N GLY A 388 -35.67 31.94 0.12
CA GLY A 388 -36.68 31.16 -0.60
C GLY A 388 -38.08 31.48 -0.11
N GLY A 389 -39.04 31.46 -1.03
CA GLY A 389 -40.46 31.63 -0.66
C GLY A 389 -41.09 30.29 -0.31
N ASP A 390 -42.23 30.33 0.38
CA ASP A 390 -43.02 29.12 0.76
C ASP A 390 -42.13 28.17 1.56
N ARG A 391 -41.29 28.72 2.44
CA ARG A 391 -40.43 27.97 3.40
C ARG A 391 -40.43 28.77 4.69
N ASP A 392 -39.76 28.26 5.74
CA ASP A 392 -39.67 28.91 7.07
C ASP A 392 -39.05 30.30 6.94
N LYS A 393 -39.68 31.29 7.59
CA LYS A 393 -39.45 32.73 7.42
C LYS A 393 -38.55 33.29 8.52
N GLY A 394 -38.29 32.49 9.57
CA GLY A 394 -37.54 32.95 10.75
C GLY A 394 -36.12 33.38 10.42
N LYS A 395 -35.53 32.77 9.39
CA LYS A 395 -34.13 33.03 8.97
C LYS A 395 -34.01 34.39 8.26
N ARG A 396 -35.14 34.93 7.74
CA ARG A 396 -35.15 36.12 6.86
C ARG A 396 -34.53 37.32 7.56
N PRO A 397 -35.02 37.74 8.75
CA PRO A 397 -34.44 38.88 9.47
C PRO A 397 -33.03 38.64 10.02
N LEU A 398 -32.70 37.40 10.37
CA LEU A 398 -31.34 37.01 10.82
C LEU A 398 -30.36 37.18 9.64
N MET A 399 -30.75 36.73 8.44
CA MET A 399 -29.89 36.90 7.23
C MET A 399 -29.74 38.38 6.89
N GLY A 400 -30.81 39.17 7.02
CA GLY A 400 -30.68 40.62 6.84
C GLY A 400 -29.70 41.25 7.81
N ALA A 401 -29.79 40.93 9.09
CA ALA A 401 -28.90 41.52 10.13
C ALA A 401 -27.47 41.12 9.80
N ILE A 402 -27.24 39.86 9.45
CA ILE A 402 -25.88 39.33 9.09
C ILE A 402 -25.31 40.05 7.86
N ALA A 403 -26.12 40.24 6.80
CA ALA A 403 -25.68 40.99 5.60
C ALA A 403 -25.30 42.42 5.98
N GLU A 404 -26.11 43.10 6.82
CA GLU A 404 -25.85 44.50 7.26
C GLU A 404 -24.55 44.57 8.08
N GLU A 405 -24.36 43.62 9.00
CA GLU A 405 -23.18 43.57 9.92
C GLU A 405 -21.91 43.26 9.13
N PHE A 406 -21.87 42.14 8.39
CA PHE A 406 -20.61 41.58 7.81
C PHE A 406 -20.33 42.14 6.41
N ALA A 407 -21.31 42.72 5.70
CA ALA A 407 -21.06 43.36 4.40
C ALA A 407 -21.09 44.89 4.56
N ASP A 408 -20.43 45.60 3.65
CA ASP A 408 -20.46 47.08 3.49
C ASP A 408 -21.69 47.44 2.66
N VAL A 409 -22.05 46.64 1.64
CA VAL A 409 -23.27 46.92 0.84
C VAL A 409 -24.15 45.68 0.76
N ALA A 410 -25.37 45.75 1.27
CA ALA A 410 -26.34 44.64 1.19
C ALA A 410 -27.26 44.91 0.01
N VAL A 411 -27.29 44.01 -0.97
CA VAL A 411 -28.20 44.07 -2.13
C VAL A 411 -29.22 42.92 -2.01
N VAL A 412 -30.44 43.20 -1.54
CA VAL A 412 -31.47 42.17 -1.28
C VAL A 412 -32.28 41.97 -2.56
N THR A 413 -32.42 40.72 -2.99
CA THR A 413 -33.08 40.36 -4.27
C THR A 413 -33.90 39.11 -4.05
N ASP A 414 -34.37 38.49 -5.13
CA ASP A 414 -35.16 37.24 -5.12
C ASP A 414 -34.22 36.04 -5.21
N ASP A 415 -34.64 34.97 -4.54
CA ASP A 415 -34.02 33.64 -4.55
C ASP A 415 -35.15 32.62 -4.44
N ASN A 416 -35.64 32.06 -5.54
CA ASN A 416 -36.78 31.10 -5.54
C ASN A 416 -37.92 31.63 -4.67
N PRO A 417 -38.56 32.74 -5.06
CA PRO A 417 -39.73 33.25 -4.34
C PRO A 417 -40.97 32.33 -4.46
N ARG A 418 -40.97 31.38 -5.42
CA ARG A 418 -42.02 30.34 -5.55
C ARG A 418 -43.37 31.05 -5.71
N THR A 419 -44.37 30.77 -4.87
CA THR A 419 -45.74 31.36 -5.03
C THR A 419 -45.89 32.52 -4.05
N GLU A 420 -44.91 32.77 -3.17
CA GLU A 420 -44.94 33.91 -2.24
C GLU A 420 -44.66 35.22 -3.00
N GLU A 421 -45.34 36.29 -2.57
CA GLU A 421 -45.11 37.68 -3.00
C GLU A 421 -43.63 38.04 -2.82
N PRO A 422 -42.83 38.18 -3.91
CA PRO A 422 -41.38 38.36 -3.76
C PRO A 422 -41.03 39.49 -2.79
N ARG A 423 -41.77 40.60 -2.85
CA ARG A 423 -41.46 41.77 -2.00
C ARG A 423 -41.79 41.47 -0.52
N ALA A 424 -42.77 40.61 -0.22
CA ALA A 424 -43.06 40.16 1.15
C ALA A 424 -41.79 39.57 1.77
N ILE A 425 -41.11 38.72 0.99
CA ILE A 425 -39.86 38.04 1.45
C ILE A 425 -38.84 39.12 1.77
N ILE A 426 -38.66 40.07 0.86
CA ILE A 426 -37.64 41.13 0.98
C ILE A 426 -37.98 41.97 2.22
N ASN A 427 -39.25 42.26 2.47
CA ASN A 427 -39.72 43.02 3.66
C ASN A 427 -39.29 42.27 4.95
N ASP A 428 -39.39 40.95 4.96
CA ASP A 428 -39.00 40.13 6.14
C ASP A 428 -37.48 40.25 6.36
N ILE A 429 -36.72 40.31 5.27
CA ILE A 429 -35.23 40.40 5.36
C ILE A 429 -34.90 41.77 5.92
N LEU A 430 -35.50 42.84 5.36
CA LEU A 430 -35.18 44.24 5.76
C LEU A 430 -35.58 44.47 7.24
N ALA A 431 -36.65 43.85 7.71
CA ALA A 431 -37.18 44.05 9.10
C ALA A 431 -36.10 43.65 10.12
N GLY A 432 -35.15 42.80 9.71
CA GLY A 432 -34.07 42.28 10.57
C GLY A 432 -32.97 43.29 10.73
N MET A 433 -32.97 44.34 9.92
CA MET A 433 -31.83 45.28 9.85
C MET A 433 -32.01 46.43 10.86
N LEU A 434 -30.90 47.01 11.33
CA LEU A 434 -30.88 48.26 12.13
C LEU A 434 -31.29 49.42 11.22
N ASP A 435 -30.69 49.52 10.04
CA ASP A 435 -31.00 50.59 9.07
C ASP A 435 -31.37 49.99 7.71
N ALA A 436 -32.63 49.55 7.55
CA ALA A 436 -33.15 48.98 6.28
C ALA A 436 -32.95 49.98 5.14
N GLY A 437 -32.93 51.28 5.44
CA GLY A 437 -32.87 52.36 4.44
C GLY A 437 -31.54 52.42 3.71
N HIS A 438 -30.49 51.80 4.26
CA HIS A 438 -29.12 51.77 3.66
C HIS A 438 -28.90 50.47 2.87
N ALA A 439 -29.80 49.48 2.97
CA ALA A 439 -29.81 48.30 2.07
C ALA A 439 -30.24 48.74 0.66
N LYS A 440 -29.67 48.14 -0.38
CA LYS A 440 -30.20 48.27 -1.75
C LYS A 440 -31.20 47.13 -1.94
N VAL A 441 -32.29 47.40 -2.65
CA VAL A 441 -33.23 46.34 -3.09
C VAL A 441 -33.27 46.39 -4.60
N MET A 442 -33.16 45.24 -5.24
CA MET A 442 -33.21 45.16 -6.71
C MET A 442 -33.81 43.81 -7.09
N GLU A 443 -34.89 43.87 -7.85
CA GLU A 443 -35.60 42.66 -8.29
C GLU A 443 -35.45 42.50 -9.81
N GLY A 444 -35.63 41.25 -10.17
CA GLY A 444 -34.71 40.48 -10.98
C GLY A 444 -33.46 40.23 -10.17
N ARG A 445 -33.17 38.97 -9.90
CA ARG A 445 -31.85 38.54 -9.38
C ARG A 445 -30.76 38.90 -10.39
N ALA A 446 -30.93 38.59 -11.67
CA ALA A 446 -29.91 38.92 -12.70
C ALA A 446 -29.59 40.43 -12.65
N GLU A 447 -30.60 41.28 -12.47
CA GLU A 447 -30.45 42.75 -12.38
C GLU A 447 -29.70 43.11 -11.09
N ALA A 448 -29.98 42.45 -9.96
CA ALA A 448 -29.32 42.72 -8.66
C ALA A 448 -27.84 42.31 -8.75
N VAL A 449 -27.55 41.13 -9.30
CA VAL A 449 -26.15 40.67 -9.49
C VAL A 449 -25.42 41.71 -10.38
N THR A 450 -26.05 42.12 -11.47
CA THR A 450 -25.44 43.07 -12.44
C THR A 450 -25.14 44.40 -11.73
N CYS A 451 -26.10 44.86 -10.95
CA CYS A 451 -26.00 46.10 -10.16
C CYS A 451 -24.73 46.11 -9.32
N ALA A 452 -24.56 45.08 -8.49
CA ALA A 452 -23.39 44.93 -7.62
C ALA A 452 -22.11 44.88 -8.47
N VAL A 453 -22.10 44.05 -9.53
CA VAL A 453 -20.86 43.71 -10.28
C VAL A 453 -20.43 44.94 -11.09
N MET A 454 -21.39 45.69 -11.61
CA MET A 454 -21.08 46.86 -12.47
C MET A 454 -20.80 48.10 -11.62
N GLN A 455 -21.28 48.15 -10.38
CA GLN A 455 -21.00 49.33 -9.52
C GLN A 455 -19.76 49.10 -8.67
N ALA A 456 -19.43 47.86 -8.33
CA ALA A 456 -18.28 47.52 -7.46
C ALA A 456 -16.96 48.04 -8.06
N LYS A 457 -16.04 48.48 -7.20
CA LYS A 457 -14.67 48.88 -7.65
C LYS A 457 -13.82 47.64 -7.91
N GLU A 458 -12.66 47.83 -8.53
CA GLU A 458 -11.68 46.80 -8.92
C GLU A 458 -11.23 45.98 -7.71
N ASN A 459 -11.12 46.62 -6.54
CA ASN A 459 -10.56 46.00 -5.31
C ASN A 459 -11.71 45.63 -4.36
N ASP A 460 -12.95 45.67 -4.86
CA ASP A 460 -14.14 45.22 -4.09
C ASP A 460 -14.33 43.70 -4.30
N VAL A 461 -15.12 43.11 -3.43
CA VAL A 461 -15.55 41.68 -3.49
C VAL A 461 -17.08 41.68 -3.41
N VAL A 462 -17.70 41.08 -4.40
CA VAL A 462 -19.16 40.83 -4.44
C VAL A 462 -19.41 39.36 -4.12
N LEU A 463 -20.09 39.10 -3.02
CA LEU A 463 -20.53 37.74 -2.68
C LEU A 463 -21.94 37.56 -3.20
N VAL A 464 -22.14 36.57 -4.07
CA VAL A 464 -23.47 36.23 -4.63
C VAL A 464 -23.86 34.92 -3.95
N ALA A 465 -24.73 35.01 -2.94
CA ALA A 465 -25.05 33.94 -1.97
C ALA A 465 -26.42 33.34 -2.25
N GLY A 466 -26.55 32.03 -2.02
CA GLY A 466 -27.83 31.31 -1.87
C GLY A 466 -28.06 30.24 -2.90
N LYS A 467 -27.30 30.22 -4.00
CA LYS A 467 -27.62 29.27 -5.10
C LYS A 467 -26.43 28.34 -5.37
N GLY A 468 -25.21 28.86 -5.32
CA GLY A 468 -24.02 28.08 -5.68
C GLY A 468 -24.12 27.60 -7.12
N HIS A 469 -24.30 26.29 -7.29
CA HIS A 469 -24.35 25.57 -8.59
C HIS A 469 -25.80 25.38 -9.07
N GLU A 470 -26.80 25.70 -8.23
CA GLU A 470 -28.24 25.36 -8.47
C GLU A 470 -28.79 26.24 -9.60
N ASP A 471 -28.74 25.76 -10.84
CA ASP A 471 -28.93 26.52 -12.11
C ASP A 471 -30.41 26.82 -12.44
N TYR A 472 -31.22 27.25 -11.47
CA TYR A 472 -32.65 27.61 -11.68
C TYR A 472 -33.09 28.71 -10.70
N GLN A 473 -34.12 29.46 -11.12
CA GLN A 473 -34.88 30.44 -10.30
C GLN A 473 -36.36 30.03 -10.35
N ILE A 474 -36.95 29.68 -9.22
CA ILE A 474 -38.38 29.27 -9.17
C ILE A 474 -39.26 30.51 -8.91
N VAL A 475 -39.98 30.93 -9.94
CA VAL A 475 -40.97 32.03 -9.92
C VAL A 475 -42.33 31.43 -10.27
N GLY A 476 -43.23 31.39 -9.27
CA GLY A 476 -44.56 30.76 -9.36
C GLY A 476 -44.41 29.26 -9.41
N ASN A 477 -44.86 28.66 -10.51
CA ASN A 477 -44.78 27.20 -10.79
C ASN A 477 -43.73 26.95 -11.87
N GLN A 478 -42.91 27.97 -12.15
CA GLN A 478 -41.97 27.99 -13.29
C GLN A 478 -40.52 27.86 -12.78
N ARG A 479 -39.84 26.81 -13.23
CA ARG A 479 -38.38 26.61 -13.10
C ARG A 479 -37.73 27.34 -14.27
N LEU A 480 -37.33 28.60 -14.07
CA LEU A 480 -36.66 29.40 -15.13
C LEU A 480 -35.18 29.00 -15.18
N ASP A 481 -34.61 28.93 -16.39
CA ASP A 481 -33.16 28.75 -16.62
C ASP A 481 -32.48 30.02 -16.11
N TYR A 482 -31.64 29.87 -15.09
CA TYR A 482 -30.89 30.98 -14.47
C TYR A 482 -29.74 30.39 -13.65
N SER A 483 -28.54 30.96 -13.86
CA SER A 483 -27.31 30.56 -13.15
C SER A 483 -26.56 31.82 -12.66
N ASP A 484 -26.32 31.92 -11.34
CA ASP A 484 -25.41 32.94 -10.78
C ASP A 484 -24.04 32.82 -11.46
N ARG A 485 -23.51 31.60 -11.62
CA ARG A 485 -22.13 31.37 -12.12
C ARG A 485 -22.04 31.93 -13.54
N VAL A 486 -23.03 31.62 -14.39
CA VAL A 486 -23.10 32.06 -15.80
C VAL A 486 -23.36 33.58 -15.83
N THR A 487 -24.22 34.12 -14.98
CA THR A 487 -24.53 35.57 -15.02
C THR A 487 -23.24 36.35 -14.70
N VAL A 488 -22.52 35.91 -13.67
CA VAL A 488 -21.28 36.56 -13.18
C VAL A 488 -20.20 36.43 -14.28
N ALA A 489 -20.06 35.25 -14.88
CA ALA A 489 -19.04 34.94 -15.91
C ALA A 489 -19.20 35.88 -17.11
N ARG A 490 -20.41 35.98 -17.66
CA ARG A 490 -20.75 36.88 -18.79
C ARG A 490 -20.43 38.33 -18.44
N LEU A 491 -20.85 38.82 -17.26
CA LEU A 491 -20.52 40.22 -16.80
C LEU A 491 -18.98 40.44 -16.77
N LEU A 492 -18.20 39.44 -16.35
CA LEU A 492 -16.75 39.63 -16.15
C LEU A 492 -16.01 39.34 -17.45
N GLY A 493 -16.69 38.75 -18.44
CA GLY A 493 -16.11 38.35 -19.74
C GLY A 493 -15.29 37.08 -19.60
N VAL A 494 -15.73 36.12 -18.78
CA VAL A 494 -14.97 34.87 -18.53
C VAL A 494 -15.91 33.68 -18.72
N ILE A 495 -15.37 32.46 -18.59
CA ILE A 495 -16.06 31.19 -18.89
C ILE A 495 -16.39 30.51 -17.55
N ALA A 496 -17.69 30.26 -17.32
CA ALA A 496 -18.24 29.39 -16.26
C ALA A 496 -18.38 27.98 -16.84
N ARG B 5 9.92 11.46 -18.60
CA ARG B 5 11.37 11.47 -18.21
C ARG B 5 12.03 12.77 -18.71
N ASN B 6 12.22 13.70 -17.79
CA ASN B 6 12.72 15.07 -18.06
C ASN B 6 13.65 15.46 -16.91
N LEU B 7 14.79 16.06 -17.22
CA LEU B 7 15.84 16.39 -16.23
C LEU B 7 15.28 17.30 -15.14
N ARG B 8 14.47 18.28 -15.51
CA ARG B 8 13.89 19.30 -14.59
C ARG B 8 13.00 18.62 -13.53
N ASP B 9 12.07 17.78 -14.00
CA ASP B 9 11.17 16.96 -13.14
C ASP B 9 12.01 15.98 -12.30
N LEU B 10 12.96 15.29 -12.93
CA LEU B 10 13.87 14.33 -12.24
C LEU B 10 14.50 14.99 -11.01
N LEU B 11 15.03 16.22 -11.15
CA LEU B 11 15.87 16.85 -10.09
C LEU B 11 15.07 17.85 -9.26
N ALA B 12 13.78 18.01 -9.55
CA ALA B 12 12.88 18.98 -8.88
C ALA B 12 13.01 18.89 -7.35
N PRO B 13 13.06 17.70 -6.70
CA PRO B 13 13.16 17.64 -5.23
C PRO B 13 14.47 18.17 -4.64
N TRP B 14 15.52 18.22 -5.46
CA TRP B 14 16.92 18.45 -4.99
C TRP B 14 17.51 19.71 -5.65
N VAL B 15 17.27 19.93 -6.95
CA VAL B 15 17.84 21.06 -7.72
C VAL B 15 16.72 21.80 -8.44
N PRO B 16 16.15 22.88 -7.85
CA PRO B 16 14.95 23.54 -8.40
C PRO B 16 15.11 24.12 -9.81
N ASP B 17 16.28 24.67 -10.14
CA ASP B 17 16.49 25.45 -11.39
C ASP B 17 16.93 24.55 -12.56
N ALA B 18 16.96 23.23 -12.38
CA ALA B 18 17.44 22.28 -13.42
C ALA B 18 16.77 22.62 -14.74
N PRO B 19 17.54 22.72 -15.85
CA PRO B 19 16.94 22.87 -17.18
C PRO B 19 16.08 21.69 -17.61
N SER B 20 15.10 22.00 -18.46
CA SER B 20 14.20 21.02 -19.10
C SER B 20 14.95 20.36 -20.27
N ARG B 21 15.02 19.02 -20.25
CA ARG B 21 15.58 18.17 -21.34
C ARG B 21 14.84 16.84 -21.31
N ALA B 22 14.35 16.38 -22.47
CA ALA B 22 13.79 15.02 -22.66
C ALA B 22 14.88 13.97 -22.44
N LEU B 23 14.61 12.94 -21.64
CA LEU B 23 15.61 11.90 -21.30
C LEU B 23 15.13 10.56 -21.81
N ARG B 24 16.05 9.76 -22.34
CA ARG B 24 15.78 8.39 -22.86
C ARG B 24 16.06 7.40 -21.73
N GLU B 25 17.30 6.88 -21.61
CA GLU B 25 17.69 5.91 -20.56
C GLU B 25 18.74 6.54 -19.65
N MET B 26 18.92 5.94 -18.47
CA MET B 26 19.91 6.37 -17.46
C MET B 26 20.98 5.28 -17.46
N THR B 27 22.26 5.66 -17.51
CA THR B 27 23.40 4.71 -17.59
C THR B 27 24.61 5.30 -16.86
N LEU B 28 25.43 4.43 -16.26
CA LEU B 28 26.70 4.80 -15.58
C LEU B 28 27.88 4.52 -16.53
N ASP B 29 27.63 3.92 -17.69
CA ASP B 29 28.69 3.46 -18.63
C ASP B 29 28.60 4.22 -19.95
N SER B 30 29.47 5.23 -20.13
CA SER B 30 29.65 6.05 -21.35
C SER B 30 29.65 5.18 -22.61
N ARG B 31 30.20 3.96 -22.53
CA ARG B 31 30.32 3.05 -23.70
C ARG B 31 28.95 2.68 -24.26
N VAL B 32 27.91 2.55 -23.40
CA VAL B 32 26.55 2.12 -23.84
C VAL B 32 25.61 3.32 -23.93
N ALA B 33 26.08 4.53 -23.63
CA ALA B 33 25.28 5.79 -23.64
C ALA B 33 24.86 6.12 -25.08
N ALA B 34 23.55 6.31 -25.31
CA ALA B 34 22.94 6.65 -26.62
C ALA B 34 22.42 8.10 -26.65
N ALA B 35 21.93 8.53 -27.81
CA ALA B 35 21.32 9.87 -28.02
C ALA B 35 20.15 10.02 -27.03
N GLY B 36 20.14 11.11 -26.27
CA GLY B 36 19.04 11.44 -25.33
C GLY B 36 19.16 10.74 -23.98
N ASP B 37 20.19 9.91 -23.75
CA ASP B 37 20.41 9.22 -22.45
C ASP B 37 20.85 10.24 -21.39
N LEU B 38 20.58 9.91 -20.12
CA LEU B 38 21.17 10.61 -18.96
C LEU B 38 22.39 9.79 -18.57
N PHE B 39 23.57 10.41 -18.59
CA PHE B 39 24.83 9.76 -18.18
C PHE B 39 25.12 10.17 -16.74
N VAL B 40 25.37 9.20 -15.87
CA VAL B 40 25.67 9.51 -14.45
C VAL B 40 27.12 9.12 -14.21
N ALA B 41 27.94 10.10 -13.83
CA ALA B 41 29.41 10.01 -13.62
C ALA B 41 29.69 9.90 -12.13
N VAL B 42 30.03 8.70 -11.66
CA VAL B 42 30.19 8.37 -10.22
C VAL B 42 31.66 8.05 -9.94
N VAL B 43 32.13 8.34 -8.72
CA VAL B 43 33.50 7.98 -8.26
C VAL B 43 33.41 6.62 -7.56
N GLY B 44 34.34 5.70 -7.85
CA GLY B 44 34.31 4.28 -7.39
C GLY B 44 35.43 3.95 -6.42
N ALA B 47 37.86 3.79 -10.13
CA ALA B 47 37.62 4.47 -11.42
C ALA B 47 36.72 5.71 -11.23
N ASP B 48 37.05 6.82 -11.89
CA ASP B 48 36.32 8.11 -11.83
C ASP B 48 35.55 8.31 -13.14
N GLY B 49 34.22 8.14 -13.10
CA GLY B 49 33.33 8.13 -14.28
C GLY B 49 33.31 9.47 -15.00
N ARG B 50 33.67 10.56 -14.31
CA ARG B 50 33.70 11.95 -14.87
C ARG B 50 34.74 12.06 -16.00
N ARG B 51 35.76 11.21 -15.99
CA ARG B 51 36.79 11.15 -17.07
C ARG B 51 36.10 10.82 -18.39
N TYR B 52 34.94 10.14 -18.39
CA TYR B 52 34.22 9.71 -19.63
C TYR B 52 33.14 10.72 -20.06
N ILE B 53 33.10 11.91 -19.44
CA ILE B 53 32.08 12.95 -19.78
C ILE B 53 32.22 13.33 -21.25
N PRO B 54 33.42 13.77 -21.75
CA PRO B 54 33.58 14.10 -23.17
C PRO B 54 33.00 13.06 -24.14
N GLN B 55 33.27 11.77 -23.92
CA GLN B 55 32.78 10.64 -24.77
C GLN B 55 31.24 10.54 -24.68
N ALA B 56 30.68 10.71 -23.46
CA ALA B 56 29.22 10.73 -23.19
C ALA B 56 28.57 11.84 -24.02
N ILE B 57 29.13 13.05 -23.93
CA ILE B 57 28.71 14.24 -24.71
C ILE B 57 28.75 13.87 -26.21
N ALA B 58 29.90 13.40 -26.69
CA ALA B 58 30.16 13.05 -28.12
C ALA B 58 29.10 12.08 -28.64
N GLN B 59 28.62 11.14 -27.81
CA GLN B 59 27.59 10.13 -28.20
C GLN B 59 26.18 10.74 -28.12
N GLY B 60 26.04 12.03 -27.81
CA GLY B 60 24.76 12.76 -27.85
C GLY B 60 23.87 12.55 -26.62
N VAL B 61 24.41 12.19 -25.45
CA VAL B 61 23.60 12.17 -24.19
C VAL B 61 22.91 13.53 -24.08
N ALA B 62 21.69 13.55 -23.52
CA ALA B 62 20.89 14.78 -23.29
C ALA B 62 21.41 15.53 -22.08
N ALA B 63 21.94 14.82 -21.08
CA ALA B 63 22.32 15.45 -19.80
C ALA B 63 23.26 14.52 -19.02
N ILE B 64 23.91 15.09 -18.02
CA ILE B 64 24.91 14.39 -17.18
C ILE B 64 24.71 14.84 -15.73
N ILE B 65 24.75 13.87 -14.82
CA ILE B 65 24.79 14.13 -13.36
C ILE B 65 26.11 13.52 -12.87
N ALA B 66 26.89 14.32 -12.15
CA ALA B 66 28.30 14.02 -11.84
C ALA B 66 28.57 14.24 -10.35
N GLU B 67 29.43 13.40 -9.76
CA GLU B 67 29.99 13.62 -8.40
C GLU B 67 30.54 15.06 -8.33
N ALA B 68 30.23 15.79 -7.25
CA ALA B 68 30.69 17.17 -6.98
C ALA B 68 32.10 17.18 -6.36
N LYS B 69 32.43 16.16 -5.56
CA LYS B 69 33.71 16.06 -4.78
C LYS B 69 34.88 16.58 -5.62
N ASP B 70 35.58 17.58 -5.08
CA ASP B 70 36.86 18.16 -5.61
C ASP B 70 36.64 18.93 -6.92
N GLU B 71 35.40 19.21 -7.34
CA GLU B 71 35.08 19.82 -8.67
C GLU B 71 34.00 20.89 -8.58
N ALA B 72 32.92 20.68 -7.83
CA ALA B 72 31.80 21.65 -7.79
C ALA B 72 31.15 21.62 -6.41
N THR B 73 30.26 22.56 -6.17
CA THR B 73 29.37 22.53 -4.98
C THR B 73 28.11 21.73 -5.35
N ASP B 74 27.37 21.29 -4.33
CA ASP B 74 26.17 20.43 -4.43
C ASP B 74 25.05 21.20 -5.14
N GLY B 75 24.48 20.65 -6.21
CA GLY B 75 23.39 21.32 -6.95
C GLY B 75 23.90 22.32 -7.99
N GLU B 76 25.21 22.35 -8.27
CA GLU B 76 25.81 23.30 -9.23
C GLU B 76 25.51 22.84 -10.66
N ILE B 77 24.93 23.75 -11.44
CA ILE B 77 24.52 23.54 -12.86
C ILE B 77 25.58 24.19 -13.77
N ARG B 78 26.30 23.37 -14.54
CA ARG B 78 27.19 23.81 -15.64
C ARG B 78 26.64 23.27 -16.97
N GLU B 79 27.26 23.64 -18.08
CA GLU B 79 26.82 23.35 -19.48
C GLU B 79 28.04 23.19 -20.36
N MET B 80 28.28 21.98 -20.89
CA MET B 80 29.40 21.66 -21.81
C MET B 80 28.83 21.21 -23.16
N HIS B 81 29.23 21.88 -24.25
CA HIS B 81 28.81 21.57 -25.65
C HIS B 81 27.28 21.47 -25.74
N GLY B 82 26.57 22.40 -25.08
CA GLY B 82 25.10 22.48 -25.02
C GLY B 82 24.47 21.41 -24.11
N VAL B 83 25.29 20.64 -23.39
CA VAL B 83 24.79 19.52 -22.52
C VAL B 83 24.86 19.99 -21.07
N PRO B 84 23.72 19.98 -20.34
CA PRO B 84 23.70 20.29 -18.92
C PRO B 84 24.46 19.20 -18.14
N VAL B 85 25.42 19.60 -17.29
CA VAL B 85 26.12 18.75 -16.30
C VAL B 85 25.73 19.29 -14.92
N ILE B 86 25.05 18.46 -14.11
CA ILE B 86 24.60 18.84 -12.74
C ILE B 86 25.39 18.02 -11.72
N TYR B 87 25.98 18.72 -10.78
CA TYR B 87 26.95 18.19 -9.79
C TYR B 87 26.24 17.99 -8.45
N LEU B 88 26.31 16.75 -7.95
CA LEU B 88 25.72 16.34 -6.65
C LEU B 88 26.85 15.74 -5.83
N SER B 89 26.94 16.13 -4.55
N SER B 89 26.93 16.14 -4.56
CA SER B 89 27.82 15.50 -3.56
C SER B 89 27.12 14.24 -3.02
N GLN B 90 27.89 13.24 -2.60
CA GLN B 90 27.40 11.95 -2.07
C GLN B 90 26.50 11.31 -3.14
N LEU B 91 26.93 11.38 -4.41
CA LEU B 91 26.15 10.85 -5.56
C LEU B 91 25.94 9.34 -5.40
N ASN B 92 26.94 8.61 -4.89
CA ASN B 92 26.83 7.15 -4.68
C ASN B 92 25.66 6.85 -3.72
N GLU B 93 25.57 7.60 -2.61
CA GLU B 93 24.50 7.51 -1.58
C GLU B 93 23.12 7.85 -2.17
N ARG B 94 23.07 8.73 -3.18
CA ARG B 94 21.79 9.33 -3.65
C ARG B 94 21.33 8.69 -4.95
N LEU B 95 22.10 7.79 -5.52
CA LEU B 95 21.84 7.24 -6.87
C LEU B 95 20.56 6.38 -6.84
N SER B 96 20.32 5.63 -5.77
CA SER B 96 19.04 4.85 -5.65
C SER B 96 17.84 5.80 -5.73
N ALA B 97 17.81 6.89 -4.96
CA ALA B 97 16.70 7.88 -4.99
C ALA B 97 16.55 8.50 -6.40
N LEU B 98 17.67 8.83 -7.05
CA LEU B 98 17.66 9.49 -8.37
C LEU B 98 17.08 8.54 -9.41
N ALA B 99 17.55 7.29 -9.44
CA ALA B 99 17.08 6.25 -10.37
C ALA B 99 15.61 5.92 -10.06
N GLY B 100 15.22 5.85 -8.77
CA GLY B 100 13.81 5.61 -8.37
C GLY B 100 12.88 6.64 -9.01
N ARG B 101 13.21 7.91 -8.87
CA ARG B 101 12.41 9.01 -9.47
C ARG B 101 12.45 8.89 -10.99
N PHE B 102 13.60 8.62 -11.61
CA PHE B 102 13.73 8.47 -13.08
C PHE B 102 12.77 7.39 -13.61
N TYR B 103 12.73 6.22 -12.98
CA TYR B 103 11.86 5.09 -13.39
C TYR B 103 10.47 5.14 -12.75
N HIS B 104 10.04 6.29 -12.21
CA HIS B 104 8.67 6.51 -11.69
C HIS B 104 8.38 5.56 -10.49
N GLU B 105 9.36 5.41 -9.59
CA GLU B 105 9.18 4.84 -8.21
C GLU B 105 8.54 3.46 -8.29
N PRO B 106 9.21 2.45 -8.91
CA PRO B 106 8.64 1.12 -9.06
C PRO B 106 8.27 0.42 -7.72
N SER B 107 8.99 0.69 -6.64
CA SER B 107 8.71 0.04 -5.34
C SER B 107 7.48 0.67 -4.66
N ASP B 108 6.98 1.80 -5.18
CA ASP B 108 5.67 2.39 -4.80
C ASP B 108 4.54 1.80 -5.66
N ASN B 109 4.86 1.01 -6.69
CA ASN B 109 3.83 0.47 -7.62
C ASN B 109 3.80 -1.05 -7.57
N LEU B 110 4.43 -1.66 -6.58
CA LEU B 110 4.21 -3.10 -6.27
C LEU B 110 4.60 -3.32 -4.81
N ARG B 111 4.25 -4.48 -4.29
CA ARG B 111 4.58 -4.86 -2.89
C ARG B 111 5.95 -5.54 -2.93
N LEU B 112 6.99 -4.86 -2.44
CA LEU B 112 8.38 -5.33 -2.45
C LEU B 112 8.67 -5.88 -1.05
N VAL B 113 9.16 -7.10 -1.00
CA VAL B 113 9.59 -7.73 0.27
C VAL B 113 11.08 -8.01 0.14
N GLY B 114 11.87 -7.52 1.10
CA GLY B 114 13.30 -7.78 1.12
C GLY B 114 13.64 -8.92 2.03
N VAL B 115 14.60 -9.74 1.65
CA VAL B 115 15.02 -10.92 2.47
C VAL B 115 16.54 -10.82 2.61
N THR B 116 17.01 -10.76 3.86
N THR B 116 17.00 -10.73 3.87
CA THR B 116 18.43 -10.59 4.23
CA THR B 116 18.39 -10.48 4.34
C THR B 116 18.85 -11.73 5.16
C THR B 116 18.84 -11.70 5.17
N GLY B 117 20.14 -12.06 5.12
CA GLY B 117 20.69 -13.11 5.98
C GLY B 117 21.68 -13.94 5.20
N THR B 118 22.35 -14.86 5.86
CA THR B 118 23.40 -15.68 5.19
C THR B 118 22.71 -16.73 4.32
N ASN B 119 21.78 -17.48 4.90
CA ASN B 119 21.18 -18.67 4.25
C ASN B 119 19.67 -18.47 4.06
N GLY B 120 19.07 -19.25 3.15
CA GLY B 120 17.61 -19.33 2.99
C GLY B 120 17.01 -18.14 2.25
N LYS B 121 17.80 -17.20 1.70
CA LYS B 121 17.22 -16.02 1.01
C LYS B 121 16.52 -16.48 -0.27
N THR B 122 17.13 -17.42 -1.00
CA THR B 122 16.62 -17.85 -2.33
C THR B 122 15.31 -18.59 -2.12
N THR B 123 15.26 -19.51 -1.17
CA THR B 123 14.05 -20.30 -0.86
C THR B 123 12.99 -19.36 -0.28
N THR B 124 13.35 -18.48 0.66
CA THR B 124 12.33 -17.59 1.28
C THR B 124 11.69 -16.69 0.22
N THR B 125 12.51 -16.09 -0.66
N THR B 125 12.48 -16.06 -0.67
CA THR B 125 12.07 -15.22 -1.79
CA THR B 125 11.95 -15.20 -1.76
C THR B 125 11.12 -16.02 -2.71
C THR B 125 11.07 -16.02 -2.70
N GLN B 126 11.47 -17.26 -3.03
CA GLN B 126 10.65 -18.09 -3.98
C GLN B 126 9.34 -18.44 -3.27
N LEU B 127 9.35 -18.75 -1.98
CA LEU B 127 8.09 -19.06 -1.25
C LEU B 127 7.20 -17.82 -1.18
N LEU B 128 7.78 -16.63 -0.93
CA LEU B 128 7.03 -15.35 -0.86
C LEU B 128 6.34 -15.08 -2.21
N ALA B 129 7.08 -15.21 -3.30
CA ALA B 129 6.58 -14.92 -4.67
C ALA B 129 5.49 -15.94 -5.01
N GLN B 130 5.76 -17.21 -4.73
CA GLN B 130 4.87 -18.34 -5.07
C GLN B 130 3.56 -18.20 -4.30
N TRP B 131 3.63 -17.97 -2.99
CA TRP B 131 2.44 -17.98 -2.11
C TRP B 131 1.55 -16.76 -2.44
N SER B 132 2.17 -15.59 -2.57
CA SER B 132 1.42 -14.36 -2.97
C SER B 132 0.77 -14.60 -4.34
N GLN B 133 1.44 -15.27 -5.29
CA GLN B 133 0.82 -15.53 -6.62
C GLN B 133 -0.38 -16.49 -6.45
N LEU B 134 -0.28 -17.52 -5.59
CA LEU B 134 -1.43 -18.40 -5.27
C LEU B 134 -2.61 -17.60 -4.69
N LEU B 135 -2.37 -16.44 -4.10
CA LEU B 135 -3.45 -15.64 -3.49
C LEU B 135 -3.89 -14.53 -4.47
N GLY B 136 -3.36 -14.51 -5.70
CA GLY B 136 -3.88 -13.63 -6.78
C GLY B 136 -2.91 -12.56 -7.23
N GLU B 137 -1.74 -12.36 -6.60
CA GLU B 137 -0.73 -11.39 -7.12
C GLU B 137 -0.12 -11.92 -8.41
N ILE B 138 0.45 -11.03 -9.23
CA ILE B 138 1.42 -11.41 -10.29
C ILE B 138 2.80 -11.15 -9.69
N SER B 139 3.52 -12.23 -9.33
CA SER B 139 4.70 -12.16 -8.44
C SER B 139 5.99 -12.34 -9.25
N ALA B 140 7.06 -11.69 -8.78
CA ALA B 140 8.41 -11.69 -9.38
C ALA B 140 9.42 -11.93 -8.27
N VAL B 141 10.63 -12.31 -8.66
CA VAL B 141 11.79 -12.50 -7.76
C VAL B 141 12.94 -11.73 -8.38
N MET B 142 13.76 -11.16 -7.50
CA MET B 142 15.10 -10.63 -7.85
C MET B 142 16.10 -11.25 -6.87
N GLY B 143 17.06 -12.01 -7.39
CA GLY B 143 18.03 -12.75 -6.55
C GLY B 143 19.13 -13.38 -7.37
N THR B 144 19.79 -14.37 -6.78
CA THR B 144 21.05 -14.97 -7.31
C THR B 144 20.69 -15.92 -8.47
N VAL B 145 19.53 -16.60 -8.40
CA VAL B 145 18.95 -17.38 -9.54
C VAL B 145 18.58 -16.43 -10.69
N GLY B 146 18.45 -15.12 -10.45
CA GLY B 146 18.14 -14.11 -11.49
C GLY B 146 16.85 -13.36 -11.20
N ASN B 147 16.30 -12.69 -12.23
CA ASN B 147 15.21 -11.70 -12.09
C ASN B 147 14.10 -12.04 -13.09
N GLY B 148 12.84 -11.87 -12.69
CA GLY B 148 11.69 -11.98 -13.60
C GLY B 148 10.43 -12.43 -12.88
N LEU B 149 9.31 -12.39 -13.58
CA LEU B 149 8.04 -13.01 -13.12
C LEU B 149 8.33 -14.49 -12.80
N LEU B 150 7.63 -15.05 -11.82
CA LEU B 150 7.69 -16.52 -11.54
C LEU B 150 7.63 -17.32 -12.86
N GLY B 151 8.51 -18.31 -13.02
CA GLY B 151 8.58 -19.20 -14.20
C GLY B 151 9.30 -18.57 -15.38
N LYS B 152 9.72 -17.30 -15.28
CA LYS B 152 10.36 -16.53 -16.37
C LYS B 152 11.60 -15.83 -15.83
N VAL B 153 12.26 -16.45 -14.86
CA VAL B 153 13.41 -15.85 -14.13
C VAL B 153 14.66 -16.10 -14.98
N ILE B 154 15.38 -15.05 -15.36
CA ILE B 154 16.59 -15.15 -16.24
C ILE B 154 17.81 -14.62 -15.49
N PRO B 155 18.96 -15.33 -15.53
CA PRO B 155 20.14 -15.02 -14.69
C PRO B 155 20.64 -13.58 -14.60
N GLY B 161 25.04 -5.05 -10.68
CA GLY B 161 23.95 -4.70 -9.75
C GLY B 161 24.16 -3.32 -9.13
N SER B 162 24.26 -2.26 -9.95
CA SER B 162 24.29 -0.85 -9.49
C SER B 162 22.90 -0.46 -8.93
N ALA B 163 22.82 0.65 -8.20
CA ALA B 163 21.54 1.16 -7.68
C ALA B 163 20.62 1.53 -8.85
N VAL B 164 21.20 1.88 -10.00
CA VAL B 164 20.40 2.21 -11.22
C VAL B 164 19.83 0.90 -11.79
N ASP B 165 20.61 -0.19 -11.86
CA ASP B 165 20.17 -1.49 -12.44
C ASP B 165 18.98 -2.04 -11.63
N VAL B 166 19.07 -1.94 -10.29
CA VAL B 166 18.03 -2.44 -9.34
C VAL B 166 16.72 -1.71 -9.65
N GLN B 167 16.75 -0.38 -9.79
CA GLN B 167 15.52 0.42 -10.03
C GLN B 167 15.01 0.11 -11.44
N HIS B 168 15.91 -0.02 -12.42
CA HIS B 168 15.59 -0.37 -13.83
C HIS B 168 14.84 -1.70 -13.87
N GLU B 169 15.36 -2.74 -13.20
CA GLU B 169 14.78 -4.10 -13.21
C GLU B 169 13.39 -4.08 -12.56
N LEU B 170 13.29 -3.40 -11.41
CA LEU B 170 12.00 -3.30 -10.67
C LEU B 170 10.97 -2.62 -11.60
N ALA B 171 11.34 -1.51 -12.25
CA ALA B 171 10.53 -0.83 -13.30
C ALA B 171 10.11 -1.85 -14.36
N GLY B 172 11.06 -2.64 -14.88
CA GLY B 172 10.79 -3.64 -15.93
C GLY B 172 9.75 -4.65 -15.46
N LEU B 173 9.81 -5.04 -14.18
CA LEU B 173 8.82 -5.97 -13.59
C LEU B 173 7.46 -5.28 -13.47
N VAL B 174 7.42 -4.02 -13.01
CA VAL B 174 6.16 -3.22 -12.97
C VAL B 174 5.56 -3.17 -14.38
N ASP B 175 6.36 -2.85 -15.40
CA ASP B 175 5.92 -2.83 -16.83
C ASP B 175 5.30 -4.17 -17.25
N GLN B 176 5.81 -5.30 -16.76
CA GLN B 176 5.30 -6.64 -17.16
C GLN B 176 4.07 -7.02 -16.34
N GLY B 177 3.60 -6.17 -15.42
CA GLY B 177 2.37 -6.38 -14.64
C GLY B 177 2.61 -6.93 -13.23
N ALA B 178 3.85 -7.07 -12.77
CA ALA B 178 4.15 -7.59 -11.41
C ALA B 178 3.51 -6.66 -10.35
N THR B 179 2.81 -7.23 -9.36
CA THR B 179 2.20 -6.50 -8.23
C THR B 179 2.92 -6.86 -6.92
N PHE B 180 3.82 -7.81 -6.97
CA PHE B 180 4.58 -8.33 -5.82
C PHE B 180 5.97 -8.76 -6.29
N CYS B 181 6.98 -8.36 -5.55
CA CYS B 181 8.36 -8.76 -5.80
C CYS B 181 9.01 -9.12 -4.47
N ALA B 182 9.65 -10.29 -4.44
CA ALA B 182 10.50 -10.74 -3.32
C ALA B 182 11.95 -10.69 -3.81
N MET B 183 12.77 -9.92 -3.09
CA MET B 183 14.16 -9.54 -3.44
C MET B 183 15.10 -10.08 -2.36
N GLU B 184 16.14 -10.80 -2.79
CA GLU B 184 17.31 -11.13 -1.94
C GLU B 184 18.15 -9.86 -1.81
N VAL B 185 18.37 -9.41 -0.59
CA VAL B 185 19.26 -8.25 -0.30
C VAL B 185 20.56 -8.78 0.34
N SER B 186 21.69 -8.58 -0.33
CA SER B 186 23.04 -8.93 0.21
C SER B 186 23.49 -7.82 1.18
N SER B 187 24.26 -8.17 2.20
CA SER B 187 24.92 -7.17 3.09
C SER B 187 25.69 -6.18 2.21
N HIS B 188 26.34 -6.67 1.16
CA HIS B 188 27.12 -5.84 0.22
C HIS B 188 26.20 -4.85 -0.50
N GLY B 189 25.05 -5.30 -1.01
CA GLY B 189 24.04 -4.40 -1.61
C GLY B 189 23.62 -3.29 -0.67
N LEU B 190 23.35 -3.62 0.59
CA LEU B 190 22.84 -2.70 1.62
C LEU B 190 23.90 -1.64 1.91
N VAL B 191 25.13 -2.09 2.18
CA VAL B 191 26.31 -1.23 2.56
C VAL B 191 26.64 -0.28 1.40
N GLN B 192 26.54 -0.72 0.15
CA GLN B 192 26.93 0.11 -1.02
C GLN B 192 25.73 0.90 -1.56
N HIS B 193 24.61 0.98 -0.81
CA HIS B 193 23.47 1.89 -1.08
C HIS B 193 22.71 1.47 -2.34
N ARG B 194 22.74 0.17 -2.69
CA ARG B 194 22.12 -0.38 -3.91
C ARG B 194 20.61 -0.49 -3.75
N VAL B 195 20.11 -0.49 -2.50
CA VAL B 195 18.63 -0.56 -2.26
C VAL B 195 18.18 0.64 -1.42
N ALA B 196 18.99 1.69 -1.35
CA ALA B 196 18.85 2.80 -0.38
C ALA B 196 17.46 3.48 -0.47
N ALA B 197 16.86 3.68 -1.65
CA ALA B 197 15.59 4.45 -1.73
C ALA B 197 14.39 3.52 -2.04
N LEU B 198 14.54 2.21 -1.87
CA LEU B 198 13.42 1.26 -2.13
C LEU B 198 12.45 1.29 -0.96
N LYS B 199 11.16 1.33 -1.26
CA LYS B 199 10.09 1.26 -0.25
C LYS B 199 9.82 -0.23 -0.01
N PHE B 200 10.51 -0.84 0.96
CA PHE B 200 10.18 -2.23 1.37
C PHE B 200 8.86 -2.21 2.14
N ALA B 201 7.88 -2.96 1.66
CA ALA B 201 6.63 -3.26 2.42
C ALA B 201 6.99 -4.09 3.65
N ALA B 202 7.99 -4.98 3.52
CA ALA B 202 8.41 -5.88 4.62
C ALA B 202 9.86 -6.29 4.40
N SER B 203 10.59 -6.50 5.50
CA SER B 203 11.98 -6.98 5.51
C SER B 203 12.02 -8.21 6.40
N VAL B 204 12.65 -9.26 5.90
CA VAL B 204 12.72 -10.59 6.54
C VAL B 204 14.18 -10.84 6.86
N PHE B 205 14.45 -11.32 8.07
CA PHE B 205 15.79 -11.77 8.45
C PHE B 205 15.75 -13.27 8.67
N THR B 206 16.56 -14.03 7.94
CA THR B 206 16.68 -15.50 8.11
C THR B 206 17.66 -15.82 9.23
N ASN B 207 18.92 -15.41 9.08
CA ASN B 207 20.02 -15.87 9.96
C ASN B 207 21.33 -15.15 9.60
N LEU B 208 22.31 -15.26 10.48
CA LEU B 208 23.68 -14.72 10.28
C LEU B 208 24.68 -15.81 10.73
N SER B 209 25.46 -16.38 9.82
CA SER B 209 26.47 -17.42 10.14
C SER B 209 27.84 -16.91 9.68
N ASP B 218 34.80 -4.55 17.21
CA ASP B 218 34.40 -5.81 16.54
C ASP B 218 33.17 -6.40 17.22
N MET B 219 32.33 -7.06 16.42
CA MET B 219 30.90 -7.35 16.66
C MET B 219 30.15 -6.03 16.93
N GLU B 220 30.60 -5.17 17.86
CA GLU B 220 29.84 -3.93 18.17
C GLU B 220 29.88 -3.01 16.94
N HIS B 221 31.03 -2.88 16.26
CA HIS B 221 31.16 -2.03 15.04
C HIS B 221 30.23 -2.56 13.93
N TYR B 222 30.22 -3.88 13.70
CA TYR B 222 29.38 -4.57 12.69
C TYR B 222 27.90 -4.27 12.97
N GLU B 223 27.46 -4.55 14.20
CA GLU B 223 26.05 -4.35 14.60
C GLU B 223 25.70 -2.86 14.49
N ALA B 224 26.58 -1.96 15.00
CA ALA B 224 26.43 -0.49 14.91
C ALA B 224 26.18 -0.09 13.47
N ALA B 225 27.02 -0.57 12.54
CA ALA B 225 26.90 -0.21 11.11
C ALA B 225 25.58 -0.76 10.55
N LYS B 226 25.18 -1.95 10.97
CA LYS B 226 23.92 -2.60 10.49
C LYS B 226 22.71 -1.80 10.98
N TRP B 227 22.66 -1.44 12.27
CA TRP B 227 21.60 -0.60 12.89
C TRP B 227 21.51 0.73 12.15
N LEU B 228 22.65 1.36 11.90
CA LEU B 228 22.72 2.63 11.14
C LEU B 228 22.01 2.43 9.79
N LEU B 229 22.31 1.36 9.06
CA LEU B 229 21.71 1.06 7.72
C LEU B 229 20.19 0.84 7.86
N TYR B 230 19.73 0.15 8.91
CA TYR B 230 18.27 -0.05 9.18
C TYR B 230 17.59 1.32 9.33
N SER B 231 18.18 2.22 10.12
CA SER B 231 17.60 3.55 10.47
C SER B 231 17.47 4.43 9.23
N GLU B 232 18.27 4.16 8.19
CA GLU B 232 18.31 4.95 6.94
C GLU B 232 17.42 4.35 5.85
N HIS B 233 16.95 3.10 5.98
CA HIS B 233 16.11 2.46 4.92
C HIS B 233 14.62 2.47 5.32
N HIS B 234 13.75 2.41 4.32
CA HIS B 234 12.30 2.14 4.49
C HIS B 234 12.13 0.62 4.54
N CYS B 235 12.26 0.03 5.73
CA CYS B 235 12.29 -1.46 5.91
C CYS B 235 10.87 -2.03 5.92
N GLY B 236 9.86 -1.19 6.19
CA GLY B 236 8.47 -1.61 6.36
C GLY B 236 8.31 -2.53 7.54
N GLN B 237 7.45 -3.54 7.45
CA GLN B 237 7.29 -4.51 8.55
C GLN B 237 8.48 -5.45 8.63
N ALA B 238 9.01 -5.65 9.85
CA ALA B 238 10.16 -6.53 10.15
C ALA B 238 9.66 -7.90 10.59
N ILE B 239 10.14 -8.96 9.92
CA ILE B 239 9.84 -10.36 10.25
C ILE B 239 11.19 -11.03 10.50
N ILE B 240 11.41 -11.51 11.72
CA ILE B 240 12.75 -11.92 12.20
C ILE B 240 12.69 -13.32 12.78
N ASN B 241 13.66 -14.13 12.37
CA ASN B 241 13.87 -15.48 12.90
C ASN B 241 14.43 -15.37 14.33
N ALA B 242 13.61 -15.69 15.32
CA ALA B 242 13.98 -15.66 16.77
C ALA B 242 14.82 -16.90 17.12
N ASP B 243 15.01 -17.85 16.20
CA ASP B 243 15.91 -19.02 16.40
C ASP B 243 17.36 -18.61 16.09
N ASP B 244 17.59 -17.41 15.58
CA ASP B 244 18.96 -16.89 15.38
C ASP B 244 19.26 -15.93 16.54
N GLU B 245 20.46 -15.98 17.12
CA GLU B 245 20.75 -15.19 18.36
C GLU B 245 20.83 -13.71 18.00
N VAL B 246 21.32 -13.36 16.80
CA VAL B 246 21.34 -11.94 16.35
C VAL B 246 19.88 -11.50 16.14
N GLY B 247 19.09 -12.33 15.48
CA GLY B 247 17.63 -12.14 15.38
C GLY B 247 17.02 -11.78 16.71
N ARG B 248 17.27 -12.57 17.75
CA ARG B 248 16.66 -12.32 19.09
C ARG B 248 17.14 -10.96 19.61
N ARG B 249 18.39 -10.59 19.36
CA ARG B 249 18.95 -9.30 19.86
C ARG B 249 18.16 -8.15 19.22
N TRP B 250 17.89 -8.26 17.92
CA TRP B 250 17.15 -7.22 17.16
C TRP B 250 15.68 -7.21 17.60
N LEU B 251 15.09 -8.38 17.81
CA LEU B 251 13.68 -8.45 18.26
C LEU B 251 13.51 -7.70 19.60
N ALA B 252 14.51 -7.75 20.49
CA ALA B 252 14.48 -7.10 21.82
C ALA B 252 14.43 -5.58 21.66
N LYS B 253 14.82 -5.04 20.51
CA LYS B 253 14.88 -3.59 20.18
C LYS B 253 13.74 -3.14 19.25
N LEU B 254 12.92 -4.05 18.73
CA LEU B 254 11.86 -3.75 17.72
C LEU B 254 10.54 -4.34 18.18
N PRO B 255 9.79 -3.63 19.05
CA PRO B 255 8.55 -4.17 19.60
C PRO B 255 7.47 -4.39 18.52
N ASP B 256 7.59 -3.76 17.34
CA ASP B 256 6.58 -3.90 16.25
C ASP B 256 6.97 -5.04 15.29
N ALA B 257 8.12 -5.65 15.47
CA ALA B 257 8.63 -6.76 14.62
C ALA B 257 7.84 -8.03 14.90
N VAL B 258 7.75 -8.94 13.93
CA VAL B 258 7.13 -10.28 14.09
C VAL B 258 8.22 -11.29 14.42
N ALA B 259 8.08 -12.02 15.53
CA ALA B 259 9.04 -13.05 15.97
C ALA B 259 8.59 -14.38 15.38
N VAL B 260 9.53 -15.15 14.80
CA VAL B 260 9.21 -16.45 14.14
C VAL B 260 10.15 -17.49 14.73
N SER B 261 9.61 -18.63 15.17
CA SER B 261 10.39 -19.69 15.84
C SER B 261 9.82 -21.06 15.49
N MET B 262 10.69 -22.06 15.44
CA MET B 262 10.28 -23.49 15.43
C MET B 262 10.96 -24.22 16.59
N GLU B 263 11.61 -23.47 17.49
CA GLU B 263 12.46 -23.99 18.59
C GLU B 263 12.13 -23.28 19.91
N ASP B 264 10.89 -22.82 20.08
CA ASP B 264 10.41 -22.23 21.36
C ASP B 264 11.20 -20.98 21.77
N HIS B 265 11.49 -20.02 20.88
CA HIS B 265 12.15 -18.72 21.22
C HIS B 265 11.19 -17.51 21.16
N ILE B 266 9.88 -17.72 21.21
CA ILE B 266 8.88 -16.64 21.35
C ILE B 266 8.76 -16.33 22.85
N ASN B 267 9.01 -15.08 23.25
CA ASN B 267 8.65 -14.58 24.61
C ASN B 267 7.22 -14.03 24.62
N PRO B 268 6.25 -14.80 25.19
CA PRO B 268 4.84 -14.37 25.21
C PRO B 268 4.61 -13.07 26.00
N ASN B 269 5.51 -12.74 26.94
CA ASN B 269 5.35 -11.54 27.80
C ASN B 269 5.49 -10.24 26.99
N CYS B 270 6.04 -10.31 25.76
N CYS B 270 6.03 -10.30 25.76
CA CYS B 270 6.27 -9.12 24.91
CA CYS B 270 6.26 -9.09 24.92
C CYS B 270 4.95 -8.58 24.33
C CYS B 270 4.94 -8.57 24.32
N HIS B 271 3.89 -9.39 24.28
CA HIS B 271 2.55 -9.08 23.67
C HIS B 271 2.72 -8.61 22.20
N GLY B 272 3.71 -9.14 21.50
CA GLY B 272 4.01 -8.76 20.11
C GLY B 272 3.38 -9.75 19.16
N ARG B 273 3.54 -9.52 17.87
CA ARG B 273 3.07 -10.47 16.84
C ARG B 273 4.08 -11.61 16.76
N TRP B 274 3.60 -12.83 16.63
CA TRP B 274 4.49 -14.00 16.66
C TRP B 274 3.90 -15.10 15.79
N LEU B 275 4.75 -16.06 15.42
CA LEU B 275 4.35 -17.33 14.75
C LEU B 275 5.35 -18.40 15.16
N LYS B 276 4.86 -19.54 15.66
CA LYS B 276 5.76 -20.62 16.14
C LYS B 276 5.21 -21.98 15.75
N ALA B 277 6.09 -22.79 15.17
CA ALA B 277 5.85 -24.23 14.94
C ALA B 277 5.84 -24.87 16.31
N THR B 278 4.76 -25.55 16.67
CA THR B 278 4.66 -26.28 17.95
C THR B 278 5.00 -27.76 17.75
N GLU B 279 4.82 -28.28 16.54
CA GLU B 279 5.05 -29.72 16.22
C GLU B 279 5.37 -29.82 14.74
N VAL B 280 6.42 -30.56 14.38
CA VAL B 280 6.72 -30.89 12.96
C VAL B 280 6.90 -32.40 12.87
N ASN B 281 6.13 -33.03 12.00
CA ASN B 281 6.38 -34.43 11.57
C ASN B 281 7.08 -34.38 10.22
N TYR B 282 8.37 -34.73 10.21
CA TYR B 282 9.16 -34.84 8.97
C TYR B 282 8.92 -36.23 8.40
N HIS B 283 8.35 -36.33 7.19
CA HIS B 283 7.97 -37.63 6.58
C HIS B 283 8.47 -37.72 5.14
N ASP B 284 8.03 -38.76 4.45
CA ASP B 284 8.65 -39.18 3.18
C ASP B 284 8.50 -38.07 2.14
N SER B 285 7.45 -37.25 2.15
CA SER B 285 7.20 -36.29 1.04
C SER B 285 7.31 -34.84 1.52
N GLY B 286 7.67 -34.64 2.77
CA GLY B 286 7.82 -33.28 3.31
C GLY B 286 7.58 -33.25 4.79
N ALA B 287 6.92 -32.18 5.25
CA ALA B 287 6.77 -31.87 6.67
C ALA B 287 5.32 -31.44 6.93
N THR B 288 4.71 -32.02 7.96
CA THR B 288 3.43 -31.57 8.54
C THR B 288 3.74 -30.61 9.68
N ILE B 289 3.42 -29.33 9.49
CA ILE B 289 3.82 -28.23 10.41
C ILE B 289 2.57 -27.76 11.14
N ARG B 290 2.53 -27.95 12.45
CA ARG B 290 1.48 -27.36 13.33
C ARG B 290 2.07 -26.11 13.93
N PHE B 291 1.34 -25.01 13.80
CA PHE B 291 1.79 -23.69 14.29
C PHE B 291 0.63 -22.99 15.00
N SER B 292 1.01 -22.10 15.91
N SER B 292 1.00 -22.13 15.94
CA SER B 292 0.17 -21.08 16.54
CA SER B 292 0.15 -21.08 16.54
C SER B 292 0.76 -19.73 16.15
C SER B 292 0.75 -19.73 16.17
N SER B 293 -0.06 -18.68 16.18
CA SER B 293 0.35 -17.31 15.79
C SER B 293 -0.66 -16.33 16.36
N SER B 294 -0.28 -15.05 16.39
CA SER B 294 -1.19 -13.96 16.78
C SER B 294 -2.32 -13.82 15.77
N TRP B 295 -2.28 -14.48 14.60
CA TRP B 295 -3.36 -14.45 13.57
C TRP B 295 -4.28 -15.68 13.65
N GLY B 296 -3.99 -16.63 14.52
CA GLY B 296 -4.65 -17.95 14.53
C GLY B 296 -3.69 -19.10 14.30
N ASP B 297 -4.21 -20.32 14.45
CA ASP B 297 -3.44 -21.60 14.49
C ASP B 297 -3.75 -22.38 13.23
N GLY B 298 -2.97 -23.40 12.93
CA GLY B 298 -3.21 -24.11 11.67
C GLY B 298 -2.30 -25.27 11.54
N GLU B 299 -2.43 -25.98 10.42
CA GLU B 299 -1.57 -27.12 10.06
C GLU B 299 -1.30 -26.96 8.57
N ILE B 300 -0.02 -26.98 8.19
CA ILE B 300 0.47 -26.87 6.79
C ILE B 300 1.13 -28.19 6.41
N GLU B 301 0.83 -28.65 5.19
CA GLU B 301 1.47 -29.81 4.53
C GLU B 301 2.50 -29.22 3.57
N SER B 302 3.73 -29.07 4.02
CA SER B 302 4.88 -28.60 3.22
C SER B 302 5.41 -29.76 2.39
N HIS B 303 5.77 -29.48 1.13
CA HIS B 303 6.46 -30.42 0.21
C HIS B 303 7.93 -30.08 0.12
N LEU B 304 8.44 -29.26 1.04
CA LEU B 304 9.89 -28.96 1.19
C LEU B 304 10.48 -29.87 2.28
N MET B 305 11.78 -30.15 2.18
CA MET B 305 12.52 -31.09 3.06
C MET B 305 13.47 -30.31 3.96
N GLY B 306 13.57 -30.75 5.22
CA GLY B 306 14.55 -30.29 6.23
C GLY B 306 13.98 -29.25 7.17
N ALA B 307 14.66 -29.04 8.29
CA ALA B 307 14.27 -28.11 9.37
C ALA B 307 14.44 -26.67 8.86
N PHE B 308 15.52 -26.38 8.13
CA PHE B 308 15.80 -25.03 7.60
C PHE B 308 14.65 -24.59 6.70
N ASN B 309 14.12 -25.46 5.85
CA ASN B 309 12.98 -25.11 4.97
C ASN B 309 11.68 -24.98 5.79
N VAL B 310 11.55 -25.58 6.97
CA VAL B 310 10.37 -25.26 7.84
C VAL B 310 10.51 -23.78 8.23
N SER B 311 11.68 -23.38 8.70
CA SER B 311 11.99 -21.98 9.09
C SER B 311 11.70 -21.02 7.92
N ASN B 312 12.19 -21.33 6.73
CA ASN B 312 12.00 -20.46 5.53
C ASN B 312 10.50 -20.29 5.26
N LEU B 313 9.76 -21.40 5.29
CA LEU B 313 8.30 -21.40 5.04
C LEU B 313 7.59 -20.58 6.14
N LEU B 314 7.93 -20.77 7.42
CA LEU B 314 7.34 -19.97 8.53
C LEU B 314 7.62 -18.47 8.36
N LEU B 315 8.83 -18.11 7.91
CA LEU B 315 9.18 -16.69 7.70
C LEU B 315 8.29 -16.13 6.59
N ALA B 316 8.10 -16.88 5.51
CA ALA B 316 7.26 -16.44 4.38
C ALA B 316 5.81 -16.32 4.86
N LEU B 317 5.30 -17.30 5.60
CA LEU B 317 3.94 -17.24 6.21
C LEU B 317 3.75 -16.01 7.12
N ALA B 318 4.62 -15.81 8.12
CA ALA B 318 4.58 -14.63 9.03
C ALA B 318 4.59 -13.32 8.22
N THR B 319 5.44 -13.22 7.19
CA THR B 319 5.54 -12.01 6.33
C THR B 319 4.17 -11.75 5.68
N LEU B 320 3.57 -12.78 5.08
CA LEU B 320 2.31 -12.56 4.30
C LEU B 320 1.14 -12.28 5.26
N LEU B 321 1.08 -12.92 6.42
CA LEU B 321 0.12 -12.58 7.51
C LEU B 321 0.32 -11.12 7.94
N ALA B 322 1.58 -10.68 8.15
CA ALA B 322 1.89 -9.29 8.56
C ALA B 322 1.39 -8.31 7.51
N LEU B 323 1.45 -8.69 6.24
CA LEU B 323 1.05 -7.82 5.12
C LEU B 323 -0.46 -7.87 4.93
N GLY B 324 -1.18 -8.70 5.70
CA GLY B 324 -2.66 -8.69 5.71
C GLY B 324 -3.28 -9.78 4.83
N TYR B 325 -2.50 -10.69 4.27
CA TYR B 325 -3.06 -11.83 3.51
C TYR B 325 -3.76 -12.75 4.49
N PRO B 326 -5.01 -13.17 4.22
CA PRO B 326 -5.80 -13.91 5.20
C PRO B 326 -5.26 -15.33 5.49
N LEU B 327 -5.15 -15.66 6.76
CA LEU B 327 -4.64 -16.97 7.23
C LEU B 327 -5.36 -18.09 6.46
N ALA B 328 -6.69 -18.06 6.37
CA ALA B 328 -7.47 -19.13 5.69
C ALA B 328 -6.94 -19.37 4.28
N ASP B 329 -6.63 -18.32 3.53
CA ASP B 329 -6.25 -18.42 2.09
C ASP B 329 -4.83 -18.98 2.01
N LEU B 330 -3.98 -18.59 2.97
CA LEU B 330 -2.58 -19.07 3.02
C LEU B 330 -2.62 -20.57 3.33
N LEU B 331 -3.36 -20.99 4.35
CA LEU B 331 -3.53 -22.44 4.69
C LEU B 331 -4.03 -23.23 3.48
N LYS B 332 -4.97 -22.70 2.70
CA LYS B 332 -5.61 -23.45 1.60
C LYS B 332 -4.62 -23.60 0.44
N THR B 333 -3.58 -22.76 0.35
CA THR B 333 -2.66 -22.78 -0.80
C THR B 333 -1.31 -23.40 -0.43
N ALA B 334 -1.05 -23.68 0.84
CA ALA B 334 0.31 -24.03 1.35
C ALA B 334 0.83 -25.31 0.67
N ALA B 335 -0.05 -26.27 0.39
CA ALA B 335 0.29 -27.59 -0.18
C ALA B 335 0.79 -27.42 -1.62
N ARG B 336 0.57 -26.24 -2.23
CA ARG B 336 1.04 -26.01 -3.63
C ARG B 336 2.42 -25.36 -3.64
N LEU B 337 2.99 -25.02 -2.48
CA LEU B 337 4.33 -24.40 -2.47
C LEU B 337 5.33 -25.48 -2.89
N GLN B 338 6.29 -25.15 -3.75
CA GLN B 338 7.23 -26.18 -4.26
C GLN B 338 8.65 -25.75 -3.94
N PRO B 339 9.60 -26.72 -3.89
CA PRO B 339 10.99 -26.37 -3.65
C PRO B 339 11.53 -25.54 -4.80
N VAL B 340 12.64 -24.85 -4.55
CA VAL B 340 13.51 -24.31 -5.62
C VAL B 340 14.02 -25.52 -6.43
N CYS B 341 13.92 -25.50 -7.75
CA CYS B 341 14.27 -26.69 -8.57
C CYS B 341 15.71 -27.14 -8.23
N GLY B 342 15.94 -28.45 -8.06
CA GLY B 342 17.28 -28.99 -7.80
C GLY B 342 17.75 -28.76 -6.38
N ARG B 343 16.91 -28.16 -5.52
CA ARG B 343 17.24 -27.88 -4.09
C ARG B 343 16.31 -28.73 -3.20
N MET B 344 16.87 -29.78 -2.59
CA MET B 344 16.20 -30.70 -1.65
C MET B 344 14.85 -31.07 -2.27
N GLU B 345 14.89 -31.42 -3.56
CA GLU B 345 13.67 -31.70 -4.35
C GLU B 345 13.29 -33.17 -4.22
N VAL B 346 12.15 -33.44 -3.60
CA VAL B 346 11.76 -34.81 -3.18
C VAL B 346 10.96 -35.47 -4.31
N PHE B 347 11.22 -36.74 -4.58
CA PHE B 347 10.43 -37.58 -5.51
C PHE B 347 9.97 -38.80 -4.71
N THR B 348 8.67 -39.04 -4.67
CA THR B 348 8.13 -40.24 -3.99
C THR B 348 7.18 -40.92 -4.96
N ALA B 349 6.93 -42.19 -4.72
CA ALA B 349 5.92 -42.97 -5.46
C ALA B 349 5.48 -44.11 -4.55
N PRO B 350 4.20 -44.53 -4.69
CA PRO B 350 3.67 -45.69 -3.98
C PRO B 350 4.67 -46.84 -3.85
N GLY B 351 4.95 -47.25 -2.62
CA GLY B 351 5.82 -48.39 -2.27
C GLY B 351 7.20 -48.30 -2.88
N LYS B 352 7.76 -47.08 -2.99
CA LYS B 352 9.17 -46.86 -3.40
C LYS B 352 9.93 -46.10 -2.31
N PRO B 353 11.27 -46.18 -2.27
CA PRO B 353 12.07 -45.26 -1.46
C PRO B 353 11.79 -43.79 -1.86
N THR B 354 11.93 -42.91 -0.88
CA THR B 354 11.95 -41.45 -1.07
C THR B 354 13.30 -41.08 -1.69
N VAL B 355 13.30 -40.25 -2.74
CA VAL B 355 14.55 -39.81 -3.43
C VAL B 355 14.56 -38.30 -3.44
N VAL B 356 15.69 -37.72 -3.01
CA VAL B 356 15.89 -36.25 -2.92
C VAL B 356 17.04 -35.92 -3.86
N VAL B 357 16.77 -35.04 -4.80
CA VAL B 357 17.80 -34.51 -5.71
C VAL B 357 18.21 -33.15 -5.17
N ASP B 358 19.50 -32.97 -4.93
CA ASP B 358 20.05 -31.71 -4.38
C ASP B 358 21.36 -31.40 -5.09
N TYR B 359 21.58 -30.10 -5.28
CA TYR B 359 22.73 -29.47 -5.95
C TYR B 359 24.02 -29.67 -5.15
N ALA B 360 23.95 -29.98 -3.85
CA ALA B 360 25.09 -30.01 -2.91
C ALA B 360 26.32 -30.66 -3.56
N HIS B 361 27.40 -29.90 -3.70
CA HIS B 361 28.68 -30.37 -4.31
C HIS B 361 29.89 -29.83 -3.52
N THR B 362 29.69 -29.39 -2.29
CA THR B 362 30.77 -29.02 -1.34
C THR B 362 30.54 -29.76 -0.03
N PRO B 363 31.59 -29.93 0.83
CA PRO B 363 31.43 -30.66 2.08
C PRO B 363 30.29 -30.08 2.95
N ASP B 364 30.25 -28.76 3.14
N ASP B 364 30.28 -28.75 3.13
CA ASP B 364 29.28 -28.07 4.03
CA ASP B 364 29.29 -28.04 3.98
C ASP B 364 27.85 -28.24 3.49
C ASP B 364 27.86 -28.30 3.47
N ALA B 365 27.63 -28.12 2.17
CA ALA B 365 26.31 -28.29 1.54
C ALA B 365 25.87 -29.77 1.65
N LEU B 366 26.80 -30.71 1.46
CA LEU B 366 26.46 -32.15 1.52
C LEU B 366 26.09 -32.55 2.95
N GLU B 367 26.84 -32.05 3.94
CA GLU B 367 26.51 -32.28 5.37
C GLU B 367 25.10 -31.74 5.67
N LYS B 368 24.81 -30.52 5.25
CA LYS B 368 23.47 -29.90 5.43
C LYS B 368 22.36 -30.71 4.72
N ALA B 369 22.54 -31.09 3.46
CA ALA B 369 21.56 -31.90 2.69
C ALA B 369 21.29 -33.23 3.41
N LEU B 370 22.33 -33.96 3.84
CA LEU B 370 22.18 -35.27 4.52
C LEU B 370 21.48 -35.10 5.88
N GLN B 371 21.84 -34.09 6.66
CA GLN B 371 21.19 -33.77 7.96
C GLN B 371 19.71 -33.50 7.73
N ALA B 372 19.40 -32.76 6.66
CA ALA B 372 18.01 -32.41 6.30
C ALA B 372 17.24 -33.69 5.92
N ALA B 373 17.86 -34.54 5.10
CA ALA B 373 17.24 -35.77 4.54
C ALA B 373 17.03 -36.78 5.67
N ARG B 374 17.93 -36.80 6.65
CA ARG B 374 17.88 -37.77 7.78
C ARG B 374 16.58 -37.59 8.56
N LEU B 375 16.08 -36.36 8.69
CA LEU B 375 14.87 -36.03 9.51
C LEU B 375 13.66 -36.75 8.92
N HIS B 376 13.68 -36.98 7.60
CA HIS B 376 12.58 -37.55 6.79
C HIS B 376 12.74 -39.07 6.63
N CYS B 377 13.74 -39.68 7.26
CA CYS B 377 14.24 -41.03 6.93
C CYS B 377 13.98 -42.00 8.08
N ALA B 378 12.98 -42.85 7.97
CA ALA B 378 12.62 -43.88 8.97
C ALA B 378 13.63 -45.03 8.89
N GLY B 379 14.10 -45.38 7.68
CA GLY B 379 15.02 -46.51 7.44
C GLY B 379 16.44 -46.02 7.31
N LYS B 380 17.13 -46.41 6.24
CA LYS B 380 18.55 -46.05 6.00
C LYS B 380 18.63 -44.88 4.99
N LEU B 381 19.55 -43.96 5.25
CA LEU B 381 19.91 -42.83 4.36
C LEU B 381 21.02 -43.27 3.41
N TRP B 382 20.73 -43.23 2.10
CA TRP B 382 21.72 -43.44 1.02
C TRP B 382 22.18 -42.09 0.51
N CYS B 383 23.44 -41.99 0.15
CA CYS B 383 24.00 -40.80 -0.50
C CYS B 383 24.68 -41.22 -1.79
N VAL B 384 24.14 -40.82 -2.96
CA VAL B 384 24.81 -41.06 -4.25
C VAL B 384 25.50 -39.75 -4.65
N PHE B 385 26.80 -39.79 -4.87
CA PHE B 385 27.56 -38.56 -5.20
C PHE B 385 28.90 -38.88 -5.85
N GLY B 386 29.49 -37.84 -6.45
CA GLY B 386 30.90 -37.86 -6.87
C GLY B 386 31.43 -36.45 -6.87
N CYS B 387 32.61 -36.26 -7.47
CA CYS B 387 33.27 -34.94 -7.52
C CYS B 387 33.76 -34.65 -8.93
N GLY B 388 33.76 -33.37 -9.29
CA GLY B 388 34.14 -32.91 -10.63
C GLY B 388 35.60 -33.17 -10.89
N GLY B 389 35.91 -33.52 -12.14
CA GLY B 389 37.30 -33.74 -12.58
C GLY B 389 37.94 -32.43 -12.96
N ASP B 390 39.28 -32.41 -12.94
CA ASP B 390 40.15 -31.33 -13.47
C ASP B 390 39.95 -30.03 -12.68
N ARG B 391 39.33 -30.08 -11.50
CA ARG B 391 39.07 -28.86 -10.70
C ARG B 391 38.54 -29.21 -9.33
N ASP B 392 38.78 -28.30 -8.37
CA ASP B 392 38.23 -28.34 -6.98
C ASP B 392 38.49 -29.70 -6.36
N LYS B 393 39.78 -30.08 -6.28
CA LYS B 393 40.22 -31.44 -5.86
C LYS B 393 40.32 -31.57 -4.34
N GLY B 394 40.64 -30.48 -3.63
CA GLY B 394 40.80 -30.52 -2.16
C GLY B 394 39.56 -31.02 -1.44
N LYS B 395 38.35 -30.72 -1.94
CA LYS B 395 37.08 -31.13 -1.25
C LYS B 395 36.87 -32.65 -1.26
N ARG B 396 37.59 -33.44 -2.07
CA ARG B 396 37.23 -34.85 -2.40
C ARG B 396 37.23 -35.72 -1.13
N PRO B 397 38.35 -35.85 -0.36
CA PRO B 397 38.34 -36.67 0.84
C PRO B 397 37.33 -36.15 1.89
N LEU B 398 37.06 -34.83 1.94
CA LEU B 398 36.13 -34.22 2.95
C LEU B 398 34.70 -34.62 2.57
N MET B 399 34.38 -34.73 1.28
N MET B 399 34.39 -34.64 1.26
CA MET B 399 33.04 -35.15 0.83
CA MET B 399 33.10 -35.14 0.72
C MET B 399 32.86 -36.66 1.04
C MET B 399 32.91 -36.61 1.14
N GLY B 400 33.92 -37.45 0.90
CA GLY B 400 33.94 -38.85 1.35
C GLY B 400 33.66 -38.96 2.84
N ALA B 401 34.37 -38.23 3.72
CA ALA B 401 34.19 -38.31 5.19
C ALA B 401 32.76 -37.93 5.58
N ILE B 402 32.20 -36.90 4.94
CA ILE B 402 30.82 -36.39 5.24
C ILE B 402 29.80 -37.44 4.81
N ALA B 403 29.94 -38.00 3.60
CA ALA B 403 28.98 -39.01 3.08
C ALA B 403 28.99 -40.21 4.03
N GLU B 404 30.17 -40.62 4.48
CA GLU B 404 30.30 -41.77 5.42
C GLU B 404 29.72 -41.42 6.79
N GLU B 405 29.94 -40.22 7.31
CA GLU B 405 29.52 -39.86 8.69
C GLU B 405 28.00 -39.66 8.75
N PHE B 406 27.39 -38.96 7.77
CA PHE B 406 26.00 -38.49 7.83
C PHE B 406 25.03 -39.38 7.03
N ALA B 407 25.52 -40.33 6.22
CA ALA B 407 24.66 -41.33 5.55
C ALA B 407 24.95 -42.72 6.14
N ASP B 408 24.06 -43.67 5.89
CA ASP B 408 24.25 -45.10 6.23
C ASP B 408 24.92 -45.83 5.08
N VAL B 409 24.65 -45.43 3.84
CA VAL B 409 25.25 -46.06 2.63
C VAL B 409 25.79 -44.98 1.71
N ALA B 410 27.07 -45.03 1.40
CA ALA B 410 27.72 -44.08 0.48
C ALA B 410 27.86 -44.78 -0.86
N VAL B 411 27.27 -44.22 -1.90
CA VAL B 411 27.40 -44.75 -3.27
C VAL B 411 28.23 -43.74 -4.06
N VAL B 412 29.50 -44.04 -4.29
CA VAL B 412 30.45 -43.08 -4.93
C VAL B 412 30.43 -43.35 -6.42
N THR B 413 30.18 -42.32 -7.20
CA THR B 413 30.02 -42.41 -8.67
C THR B 413 30.68 -41.20 -9.33
N ASP B 414 30.35 -40.98 -10.60
CA ASP B 414 30.93 -39.92 -11.45
C ASP B 414 30.00 -38.70 -11.42
N ASP B 415 30.62 -37.53 -11.46
CA ASP B 415 30.01 -36.19 -11.53
C ASP B 415 30.95 -35.30 -12.36
N ASN B 416 30.73 -35.18 -13.66
CA ASN B 416 31.56 -34.35 -14.58
C ASN B 416 33.05 -34.67 -14.41
N PRO B 417 33.47 -35.91 -14.66
CA PRO B 417 34.89 -36.25 -14.59
C PRO B 417 35.76 -35.54 -15.62
N ARG B 418 35.17 -34.94 -16.67
CA ARG B 418 35.93 -34.10 -17.67
C ARG B 418 37.06 -34.96 -18.25
N THR B 419 38.33 -34.54 -18.20
CA THR B 419 39.43 -35.31 -18.84
C THR B 419 40.12 -36.21 -17.81
N GLU B 420 39.72 -36.16 -16.53
CA GLU B 420 40.42 -36.88 -15.46
C GLU B 420 39.90 -38.33 -15.42
N GLU B 421 40.78 -39.29 -15.06
CA GLU B 421 40.41 -40.71 -14.92
C GLU B 421 39.33 -40.81 -13.84
N PRO B 422 38.10 -41.23 -14.19
CA PRO B 422 37.00 -41.25 -13.22
C PRO B 422 37.36 -41.99 -11.93
N ARG B 423 38.10 -43.09 -12.03
CA ARG B 423 38.44 -43.94 -10.87
C ARG B 423 39.44 -43.20 -9.94
N ALA B 424 40.34 -42.38 -10.49
CA ALA B 424 41.28 -41.57 -9.69
C ALA B 424 40.48 -40.61 -8.81
N ILE B 425 39.45 -39.96 -9.38
CA ILE B 425 38.58 -39.00 -8.63
C ILE B 425 37.97 -39.76 -7.44
N ILE B 426 37.44 -40.93 -7.70
CA ILE B 426 36.76 -41.77 -6.67
C ILE B 426 37.78 -42.16 -5.60
N ASN B 427 39.03 -42.50 -5.98
CA ASN B 427 40.03 -42.91 -4.95
C ASN B 427 40.33 -41.71 -4.02
N ASP B 428 40.42 -40.50 -4.57
CA ASP B 428 40.58 -39.24 -3.78
C ASP B 428 39.43 -39.09 -2.78
N ILE B 429 38.19 -39.44 -3.17
CA ILE B 429 37.01 -39.39 -2.27
C ILE B 429 37.14 -40.47 -1.21
N LEU B 430 37.42 -41.72 -1.61
CA LEU B 430 37.53 -42.88 -0.69
C LEU B 430 38.64 -42.63 0.34
N ALA B 431 39.64 -41.84 -0.04
CA ALA B 431 40.84 -41.51 0.79
C ALA B 431 40.41 -40.90 2.12
N GLY B 432 39.29 -40.16 2.18
CA GLY B 432 38.88 -39.44 3.38
C GLY B 432 38.02 -40.27 4.30
N MET B 433 37.76 -41.53 3.97
CA MET B 433 36.81 -42.38 4.72
C MET B 433 37.55 -43.24 5.74
N LEU B 434 36.96 -43.39 6.91
CA LEU B 434 37.39 -44.34 7.96
C LEU B 434 37.16 -45.78 7.50
N ASP B 435 36.15 -46.04 6.65
CA ASP B 435 35.80 -47.43 6.30
C ASP B 435 35.40 -47.54 4.83
N ALA B 436 36.34 -47.29 3.93
CA ALA B 436 36.10 -47.15 2.48
C ALA B 436 35.63 -48.48 1.92
N GLY B 437 35.98 -49.58 2.55
CA GLY B 437 35.56 -50.92 2.11
C GLY B 437 34.06 -51.13 2.22
N HIS B 438 33.37 -50.35 3.04
CA HIS B 438 31.89 -50.41 3.19
C HIS B 438 31.18 -49.40 2.26
N ALA B 439 31.94 -48.53 1.58
CA ALA B 439 31.39 -47.62 0.56
C ALA B 439 31.05 -48.47 -0.67
N LYS B 440 30.05 -48.11 -1.46
CA LYS B 440 29.72 -48.79 -2.74
C LYS B 440 30.24 -47.88 -3.84
N VAL B 441 30.93 -48.44 -4.82
CA VAL B 441 31.50 -47.67 -5.95
C VAL B 441 30.78 -48.15 -7.21
N MET B 442 30.18 -47.25 -7.95
CA MET B 442 29.49 -47.67 -9.18
C MET B 442 29.63 -46.56 -10.20
N GLU B 443 30.12 -46.93 -11.37
CA GLU B 443 30.35 -45.98 -12.46
C GLU B 443 29.38 -46.28 -13.59
N GLY B 444 29.24 -45.24 -14.41
CA GLY B 444 27.97 -44.71 -14.87
C GLY B 444 27.27 -44.07 -13.69
N ARG B 445 27.01 -42.77 -13.74
CA ARG B 445 26.18 -42.13 -12.71
C ARG B 445 24.76 -42.71 -12.75
N ALA B 446 24.16 -42.85 -13.93
CA ALA B 446 22.79 -43.43 -14.06
C ALA B 446 22.72 -44.78 -13.36
N GLU B 447 23.72 -45.65 -13.58
CA GLU B 447 23.80 -47.01 -13.00
C GLU B 447 23.93 -46.93 -11.45
N ALA B 448 24.70 -45.97 -10.92
CA ALA B 448 24.84 -45.75 -9.46
C ALA B 448 23.51 -45.25 -8.87
N VAL B 449 22.83 -44.34 -9.54
CA VAL B 449 21.51 -43.88 -9.04
C VAL B 449 20.54 -45.06 -9.01
N THR B 450 20.49 -45.84 -10.09
CA THR B 450 19.60 -47.03 -10.24
C THR B 450 19.89 -47.98 -9.08
N CYS B 451 21.17 -48.22 -8.83
CA CYS B 451 21.66 -49.14 -7.79
C CYS B 451 21.09 -48.76 -6.41
N ALA B 452 21.18 -47.48 -6.02
CA ALA B 452 20.65 -47.04 -4.71
C ALA B 452 19.12 -47.15 -4.72
N VAL B 453 18.47 -46.68 -5.79
CA VAL B 453 16.98 -46.56 -5.81
C VAL B 453 16.39 -47.98 -5.81
N MET B 454 17.03 -48.94 -6.50
CA MET B 454 16.45 -50.31 -6.63
C MET B 454 16.79 -51.16 -5.40
N GLN B 455 17.86 -50.86 -4.67
CA GLN B 455 18.26 -51.66 -3.49
C GLN B 455 17.56 -51.09 -2.26
N ALA B 456 17.30 -49.77 -2.25
CA ALA B 456 16.78 -49.06 -1.07
C ALA B 456 15.42 -49.65 -0.65
N LYS B 457 15.16 -49.76 0.65
CA LYS B 457 13.81 -50.14 1.18
C LYS B 457 12.83 -48.99 0.98
N GLU B 458 11.55 -49.32 1.14
CA GLU B 458 10.39 -48.42 1.03
C GLU B 458 10.55 -47.22 1.97
N ASN B 459 11.07 -47.43 3.18
CA ASN B 459 11.17 -46.38 4.22
C ASN B 459 12.59 -45.78 4.24
N ASP B 460 13.38 -46.07 3.21
CA ASP B 460 14.75 -45.52 3.04
C ASP B 460 14.62 -44.17 2.34
N VAL B 461 15.67 -43.37 2.41
CA VAL B 461 15.76 -42.10 1.65
C VAL B 461 17.07 -42.16 0.85
N VAL B 462 17.00 -41.84 -0.42
CA VAL B 462 18.19 -41.73 -1.29
C VAL B 462 18.45 -40.27 -1.63
N LEU B 463 19.57 -39.74 -1.18
CA LEU B 463 20.00 -38.40 -1.61
C LEU B 463 20.86 -38.56 -2.85
N VAL B 464 20.48 -37.93 -3.96
CA VAL B 464 21.29 -37.87 -5.21
C VAL B 464 21.84 -36.44 -5.30
N ALA B 465 23.09 -36.27 -4.86
CA ALA B 465 23.74 -34.97 -4.65
C ALA B 465 24.70 -34.63 -5.80
N GLY B 466 24.79 -33.34 -6.11
CA GLY B 466 25.91 -32.77 -6.87
C GLY B 466 25.47 -32.05 -8.13
N LYS B 467 24.25 -32.28 -8.62
CA LYS B 467 23.81 -31.69 -9.91
C LYS B 467 22.56 -30.80 -9.71
N GLY B 468 21.56 -31.22 -8.92
CA GLY B 468 20.28 -30.46 -8.86
C GLY B 468 19.62 -30.48 -10.23
N HIS B 469 19.36 -29.31 -10.84
CA HIS B 469 18.73 -29.21 -12.20
C HIS B 469 19.78 -29.04 -13.30
N GLU B 470 21.09 -29.20 -13.01
CA GLU B 470 22.18 -29.02 -14.02
C GLU B 470 22.26 -30.31 -14.84
N ASP B 471 21.46 -30.41 -15.92
CA ASP B 471 21.15 -31.68 -16.64
C ASP B 471 22.18 -31.97 -17.75
N TYR B 472 23.44 -32.14 -17.38
CA TYR B 472 24.53 -32.64 -18.24
C TYR B 472 25.51 -33.44 -17.38
N GLN B 473 26.27 -34.30 -18.06
CA GLN B 473 27.45 -35.04 -17.53
C GLN B 473 28.63 -34.78 -18.48
N ILE B 474 29.67 -34.09 -18.01
CA ILE B 474 30.84 -33.75 -18.86
C ILE B 474 31.83 -34.92 -18.78
N VAL B 475 31.99 -35.65 -19.89
CA VAL B 475 32.93 -36.81 -20.04
C VAL B 475 33.90 -36.48 -21.19
N GLY B 476 35.19 -36.36 -20.88
CA GLY B 476 36.18 -35.76 -21.79
C GLY B 476 35.80 -34.33 -22.07
N ASN B 477 35.62 -34.01 -23.36
CA ASN B 477 35.23 -32.67 -23.85
C ASN B 477 33.73 -32.65 -24.20
N GLN B 478 32.99 -33.73 -23.91
CA GLN B 478 31.58 -33.89 -24.34
C GLN B 478 30.65 -33.51 -23.19
N ARG B 479 29.71 -32.59 -23.45
CA ARG B 479 28.56 -32.27 -22.58
C ARG B 479 27.42 -33.25 -22.93
N LEU B 480 27.38 -34.39 -22.25
CA LEU B 480 26.36 -35.44 -22.48
C LEU B 480 25.04 -35.01 -21.86
N ASP B 481 23.94 -35.26 -22.57
CA ASP B 481 22.56 -35.08 -22.08
C ASP B 481 22.34 -36.12 -20.97
N TYR B 482 22.06 -35.64 -19.76
CA TYR B 482 21.87 -36.48 -18.55
C TYR B 482 21.13 -35.63 -17.51
N SER B 483 20.13 -36.23 -16.86
CA SER B 483 19.40 -35.57 -15.76
C SER B 483 19.21 -36.56 -14.61
N ASP B 484 19.67 -36.20 -13.41
CA ASP B 484 19.37 -36.90 -12.15
C ASP B 484 17.85 -36.94 -11.94
N ARG B 485 17.16 -35.81 -12.16
CA ARG B 485 15.72 -35.70 -11.85
C ARG B 485 14.95 -36.68 -12.75
N VAL B 486 15.28 -36.64 -14.05
CA VAL B 486 14.69 -37.53 -15.08
C VAL B 486 15.02 -38.99 -14.77
N THR B 487 16.28 -39.31 -14.50
CA THR B 487 16.68 -40.71 -14.15
C THR B 487 15.84 -41.17 -12.96
N VAL B 488 15.73 -40.34 -11.93
CA VAL B 488 15.03 -40.73 -10.69
C VAL B 488 13.53 -40.92 -11.00
N ALA B 489 12.92 -39.94 -11.68
CA ALA B 489 11.51 -39.92 -12.13
C ALA B 489 11.16 -41.19 -12.91
N ARG B 490 11.96 -41.60 -13.90
CA ARG B 490 11.71 -42.84 -14.69
C ARG B 490 11.77 -44.04 -13.74
N LEU B 491 12.75 -44.11 -12.83
CA LEU B 491 12.87 -45.29 -11.93
C LEU B 491 11.64 -45.37 -11.01
N LEU B 492 11.12 -44.24 -10.52
CA LEU B 492 9.96 -44.27 -9.58
C LEU B 492 8.64 -44.34 -10.35
N GLY B 493 8.61 -44.19 -11.67
CA GLY B 493 7.37 -44.16 -12.48
C GLY B 493 6.64 -42.83 -12.32
N VAL B 494 7.37 -41.73 -12.09
CA VAL B 494 6.73 -40.39 -11.92
C VAL B 494 7.32 -39.46 -12.98
N ILE B 495 6.85 -38.22 -13.01
CA ILE B 495 7.17 -37.20 -14.05
C ILE B 495 8.03 -36.11 -13.42
N ALA B 496 9.24 -35.94 -13.95
CA ALA B 496 10.15 -34.80 -13.75
C ALA B 496 9.71 -33.65 -14.67
#